data_1H8T
#
_entry.id   1H8T
#
_cell.length_a   300.850
_cell.length_b   300.850
_cell.length_c   1476.620
_cell.angle_alpha   90.00
_cell.angle_beta   90.00
_cell.angle_gamma   120.00
#
_symmetry.space_group_name_H-M   'H 3 2'
#
loop_
_entity.id
_entity.type
_entity.pdbx_description
1 polymer 'ECHOVIRUS 11 COAT PROTEIN VP1'
2 polymer 'ECHOVIRUS 11 COAT PROTEIN VP2'
3 polymer 'ECHOVIRUS 11 COAT PROTEIN VP3'
4 polymer 'ECHOVIRUS 11 COAT PROTEIN VP4'
5 non-polymer '12-AMINO-DODECANOIC ACID'
6 non-polymer 'MYRISTIC ACID'
7 water water
#
loop_
_entity_poly.entity_id
_entity_poly.type
_entity_poly.pdbx_seq_one_letter_code
_entity_poly.pdbx_strand_id
1 'polypeptide(L)'
;GDVVEAVENAVARVADTIGSGPSNSQAVPALTAVETGHTSQVTPSDTVQTRHVKNYHSRSESSIENFLSRSACVYMGEYH
TTNSDQTKLFASWTISARRMVQMRRKLEIFTYVRFDVEVTFVITSKQDQGTQLGQDMPPLTHQIMYIPPGGPIPKSVTDY
TWQTSTNPSIFWTEGNAPPRMSIPFISIGNAYSNFYDGWSHFSQNGVYGYNTLNHMGQIYVRHVNGSSPLPMTSTVRMYF
KPKHVKAWVPRPPRLCQYKNASTVNFSPTDITDKRNSITYIPDTVKPDVSNH
;
A
2 'polypeptide(L)'
;SPSAEECGYSDRVRSITLGNSTITTQESANVVVGYGRWPEYLRDDEATAEDQPTQPDVATCRFYTLESVTWEKDSPGWWW
KFPDALKDMGLFGQNMYYHYLGRAGYTIHVQCNASKFHQGCLLVVCVPEAEMGCSTVDGTVNEHGLSEGETAKKFSATGT
NGTNTVQSIVTNAGMGVGVGNLTIFPHQWINLRTNNCATIVMPYINNVPMDNMFRHHNFTLMIIPFVPLNYSSDFSTYVP
ITVTVAPMCAEYNGLRLSTALQ
;
B
3 'polypeptide(L)'
;GLPVINTPGSNQFLTSDDFQSPSAMPQFDVTPELNIPGEVQNLMEIAEVDSVVPVNNVAGNLETMDIYRIPVQSGNHQSS
QVFGFQVQPGLDGVFKHTLLGEILNYYAHWSGSIKLTFVFCGSAMATGKFLLAYAPPGANAPKSRKDAMLGTHIIWDVGL
QSSCVLCIPWISQTHYRLVQQDEYTSAGNVTCWYQTGIVVPAGTPTSCSIMCFVSACNDFSVRLLKDTPFIQQAALLQ
;
C
4 'polypeptide(L)' GAQVSTQKTGAHETGLRASGNSIIHYTNINYYKDAASNSANRQDFTQDPGKFTEPVKDIMVKSLPALN D
#
loop_
_chem_comp.id
_chem_comp.type
_chem_comp.name
_chem_comp.formula
MYR non-polymer 'MYRISTIC ACID' 'C14 H28 O2'
#
# COMPACT_ATOMS: atom_id res chain seq x y z
N GLY A 1 -0.22 -21.88 -8.72
CA GLY A 1 0.15 -22.27 -10.12
C GLY A 1 1.40 -21.57 -10.67
N ASP A 2 1.60 -21.71 -11.99
CA ASP A 2 2.74 -21.12 -12.76
C ASP A 2 2.30 -19.70 -13.28
N VAL A 3 2.87 -18.61 -12.71
CA VAL A 3 2.54 -17.22 -13.12
C VAL A 3 3.43 -16.71 -14.32
N VAL A 4 3.31 -17.44 -15.44
CA VAL A 4 4.02 -17.18 -16.71
C VAL A 4 3.11 -17.66 -17.91
N GLU A 5 2.07 -18.44 -17.57
CA GLU A 5 1.07 -19.05 -18.48
C GLU A 5 -0.21 -18.20 -18.83
N ALA A 6 -0.53 -18.11 -20.13
CA ALA A 6 -1.70 -17.35 -20.64
C ALA A 6 -3.08 -18.08 -20.67
N VAL A 7 -3.41 -18.78 -19.57
CA VAL A 7 -4.64 -19.60 -19.38
C VAL A 7 -4.62 -20.24 -17.93
N GLU A 8 -5.78 -20.33 -17.24
CA GLU A 8 -5.92 -20.94 -15.86
C GLU A 8 -7.32 -20.78 -15.12
N ASN A 9 -8.25 -21.76 -15.29
CA ASN A 9 -9.63 -21.76 -14.70
C ASN A 9 -9.90 -21.32 -13.22
N ALA A 10 -11.15 -21.52 -12.78
CA ALA A 10 -11.63 -21.19 -11.41
C ALA A 10 -12.32 -19.81 -11.25
N VAL A 11 -13.56 -19.82 -10.77
CA VAL A 11 -14.29 -18.56 -10.56
C VAL A 11 -13.96 -17.96 -9.19
N ALA A 12 -13.77 -16.65 -9.16
CA ALA A 12 -13.43 -15.96 -7.92
C ALA A 12 -14.66 -15.45 -7.17
N ARG A 13 -15.56 -16.36 -6.79
CA ARG A 13 -16.80 -16.00 -6.07
C ARG A 13 -16.64 -15.41 -4.66
N VAL A 14 -17.43 -14.40 -4.33
CA VAL A 14 -17.36 -13.84 -2.99
C VAL A 14 -18.22 -14.77 -2.12
N ALA A 15 -18.32 -14.47 -0.83
CA ALA A 15 -19.08 -15.29 0.10
C ALA A 15 -20.60 -15.12 0.09
N ASP A 16 -21.29 -16.24 0.29
CA ASP A 16 -22.73 -16.25 0.35
C ASP A 16 -23.10 -15.67 1.70
N THR A 17 -24.30 -15.13 1.81
CA THR A 17 -24.77 -14.60 3.07
C THR A 17 -25.51 -15.76 3.74
N ILE A 18 -24.97 -16.23 4.86
CA ILE A 18 -25.61 -17.32 5.56
C ILE A 18 -26.88 -16.82 6.25
N GLY A 19 -27.97 -17.59 6.13
CA GLY A 19 -29.21 -17.21 6.78
C GLY A 19 -29.05 -17.24 8.29
N SER A 20 -29.47 -16.18 8.97
CA SER A 20 -29.33 -16.07 10.42
C SER A 20 -30.61 -15.64 11.14
N GLY A 21 -30.86 -16.30 12.26
CA GLY A 21 -32.01 -15.99 13.08
C GLY A 21 -31.63 -15.31 14.40
N PRO A 22 -32.59 -15.24 15.37
CA PRO A 22 -32.42 -14.63 16.71
C PRO A 22 -31.43 -15.36 17.64
N SER A 23 -30.74 -14.63 18.52
CA SER A 23 -29.78 -15.27 19.43
C SER A 23 -29.68 -14.60 20.79
N ASN A 24 -29.52 -15.45 21.82
CA ASN A 24 -29.35 -15.02 23.21
C ASN A 24 -28.33 -15.99 23.83
N SER A 25 -27.08 -15.54 23.87
CA SER A 25 -25.97 -16.33 24.39
C SER A 25 -24.78 -15.51 24.92
N GLN A 26 -23.65 -16.20 25.10
CA GLN A 26 -22.42 -15.59 25.55
C GLN A 26 -21.51 -15.24 24.36
N ALA A 27 -21.92 -15.69 23.16
CA ALA A 27 -21.23 -15.39 21.89
C ALA A 27 -21.24 -13.87 21.79
N VAL A 28 -20.08 -13.32 21.45
CA VAL A 28 -20.00 -11.89 21.43
C VAL A 28 -19.00 -11.57 20.28
N PRO A 29 -19.39 -11.94 19.03
CA PRO A 29 -18.61 -11.74 17.79
C PRO A 29 -18.38 -10.27 17.46
N ALA A 30 -19.35 -9.43 17.84
CA ALA A 30 -19.29 -7.99 17.59
C ALA A 30 -18.36 -7.23 18.57
N LEU A 31 -17.79 -7.94 19.54
CA LEU A 31 -16.87 -7.36 20.53
C LEU A 31 -15.49 -8.01 20.37
N THR A 32 -14.51 -7.26 19.87
CA THR A 32 -13.14 -7.76 19.66
C THR A 32 -12.15 -6.78 20.30
N ALA A 33 -10.87 -7.04 20.11
CA ALA A 33 -9.81 -6.19 20.65
C ALA A 33 -8.89 -5.83 19.49
N VAL A 34 -9.13 -4.65 18.95
CA VAL A 34 -8.37 -4.13 17.84
C VAL A 34 -6.86 -3.99 18.13
N GLU A 35 -6.48 -3.95 19.41
CA GLU A 35 -5.08 -3.80 19.84
C GLU A 35 -4.14 -4.91 19.38
N THR A 36 -4.72 -6.10 19.23
CA THR A 36 -3.98 -7.27 18.79
C THR A 36 -3.41 -7.09 17.39
N GLY A 37 -3.95 -6.17 16.61
CA GLY A 37 -3.48 -5.94 15.25
C GLY A 37 -4.18 -6.83 14.22
N HIS A 38 -5.26 -7.46 14.67
CA HIS A 38 -6.10 -8.38 13.88
C HIS A 38 -7.36 -7.60 13.40
N THR A 39 -7.78 -7.83 12.14
CA THR A 39 -9.00 -7.16 11.59
C THR A 39 -10.12 -8.15 11.81
N SER A 40 -11.21 -7.68 12.44
CA SER A 40 -12.38 -8.51 12.74
C SER A 40 -12.96 -9.20 11.50
N GLN A 41 -13.39 -10.46 11.68
CA GLN A 41 -13.97 -11.25 10.59
C GLN A 41 -15.53 -11.37 10.60
N VAL A 42 -16.17 -10.41 11.26
CA VAL A 42 -17.61 -10.33 11.37
C VAL A 42 -18.27 -10.12 9.99
N THR A 43 -19.41 -10.79 9.76
CA THR A 43 -20.19 -10.63 8.52
C THR A 43 -21.58 -10.25 8.99
N PRO A 44 -22.41 -9.71 8.08
CA PRO A 44 -23.75 -9.30 8.51
C PRO A 44 -24.48 -10.30 9.39
N SER A 45 -24.38 -11.57 9.04
CA SER A 45 -25.09 -12.56 9.82
C SER A 45 -24.70 -12.65 11.31
N ASP A 46 -23.60 -12.06 11.71
CA ASP A 46 -23.19 -12.09 13.13
C ASP A 46 -23.89 -11.01 13.96
N THR A 47 -24.40 -9.96 13.31
CA THR A 47 -25.01 -8.86 14.05
C THR A 47 -26.48 -8.50 13.74
N VAL A 48 -27.04 -8.99 12.64
CA VAL A 48 -28.48 -8.77 12.33
C VAL A 48 -29.00 -10.08 11.78
N GLN A 49 -30.33 -10.22 11.68
CA GLN A 49 -30.92 -11.43 11.14
C GLN A 49 -30.82 -11.25 9.63
N THR A 50 -30.23 -12.24 8.96
CA THR A 50 -30.08 -12.15 7.52
C THR A 50 -30.80 -13.28 6.83
N ARG A 51 -31.13 -13.05 5.56
CA ARG A 51 -31.75 -14.09 4.75
C ARG A 51 -30.54 -14.78 4.14
N HIS A 52 -30.77 -15.84 3.37
CA HIS A 52 -29.68 -16.52 2.69
C HIS A 52 -29.61 -15.88 1.30
N VAL A 53 -28.41 -15.65 0.82
CA VAL A 53 -28.26 -15.08 -0.50
C VAL A 53 -27.18 -15.88 -1.20
N LYS A 54 -27.47 -16.39 -2.40
CA LYS A 54 -26.46 -17.13 -3.16
C LYS A 54 -25.84 -16.00 -3.98
N ASN A 55 -24.61 -15.65 -3.61
CA ASN A 55 -23.91 -14.57 -4.24
C ASN A 55 -22.96 -15.05 -5.34
N TYR A 56 -23.17 -14.54 -6.55
CA TYR A 56 -22.36 -14.92 -7.72
C TYR A 56 -21.24 -13.91 -8.05
N HIS A 57 -21.21 -12.78 -7.34
CA HIS A 57 -20.19 -11.74 -7.58
C HIS A 57 -18.75 -12.30 -7.54
N SER A 58 -17.91 -11.95 -8.50
CA SER A 58 -16.53 -12.41 -8.56
C SER A 58 -15.54 -11.21 -8.48
N ARG A 59 -14.35 -11.48 -7.96
CA ARG A 59 -13.31 -10.47 -7.81
C ARG A 59 -12.29 -10.51 -8.95
N SER A 60 -12.71 -11.01 -10.10
CA SER A 60 -11.83 -11.11 -11.25
C SER A 60 -11.09 -9.81 -11.63
N GLU A 61 -11.79 -8.69 -11.73
CA GLU A 61 -11.13 -7.46 -12.14
C GLU A 61 -10.23 -6.79 -11.09
N SER A 62 -10.12 -7.36 -9.89
CA SER A 62 -9.24 -6.73 -8.90
C SER A 62 -8.03 -7.61 -8.56
N SER A 63 -7.78 -8.58 -9.45
CA SER A 63 -6.63 -9.47 -9.33
C SER A 63 -5.46 -8.61 -9.72
N ILE A 64 -4.31 -8.82 -9.10
CA ILE A 64 -3.19 -7.96 -9.46
C ILE A 64 -2.89 -7.91 -10.94
N GLU A 65 -3.06 -9.03 -11.64
CA GLU A 65 -2.78 -9.04 -13.06
C GLU A 65 -3.73 -8.10 -13.80
N ASN A 66 -5.01 -8.18 -13.51
CA ASN A 66 -5.92 -7.33 -14.25
C ASN A 66 -5.88 -5.90 -13.86
N PHE A 67 -5.27 -5.59 -12.74
CA PHE A 67 -5.19 -4.23 -12.27
C PHE A 67 -4.03 -3.48 -12.92
N LEU A 68 -2.91 -4.18 -13.14
CA LEU A 68 -1.73 -3.55 -13.73
C LEU A 68 -1.60 -3.74 -15.24
N SER A 69 -2.17 -4.82 -15.74
CA SER A 69 -2.05 -5.16 -17.15
C SER A 69 -2.86 -4.36 -18.16
N ARG A 70 -2.56 -3.08 -18.26
CA ARG A 70 -3.19 -2.19 -19.22
C ARG A 70 -2.09 -1.22 -19.54
N SER A 71 -1.83 -1.04 -20.83
CA SER A 71 -0.79 -0.16 -21.31
C SER A 71 -1.04 1.23 -20.74
N ALA A 72 0.04 1.86 -20.28
CA ALA A 72 0.06 3.21 -19.68
C ALA A 72 1.22 4.04 -20.26
N CYS A 73 0.99 5.32 -20.55
CA CYS A 73 2.06 6.15 -21.10
C CYS A 73 3.07 6.39 -20.00
N VAL A 74 4.32 6.07 -20.24
CA VAL A 74 5.29 6.27 -19.17
C VAL A 74 6.31 7.28 -19.58
N TYR A 75 6.15 7.78 -20.80
CA TYR A 75 7.08 8.76 -21.31
C TYR A 75 6.71 9.32 -22.70
N MET A 76 7.10 10.58 -22.97
CA MET A 76 6.89 11.18 -24.30
C MET A 76 7.94 12.24 -24.54
N GLY A 77 8.46 12.30 -25.77
CA GLY A 77 9.48 13.26 -26.13
C GLY A 77 9.44 13.61 -27.62
N GLU A 78 10.15 14.68 -28.00
CA GLU A 78 10.14 15.11 -29.40
C GLU A 78 11.51 15.13 -30.02
N TYR A 79 11.54 15.11 -31.34
CA TYR A 79 12.80 15.18 -32.05
C TYR A 79 12.42 15.71 -33.42
N HIS A 80 13.35 16.45 -34.03
CA HIS A 80 13.12 17.06 -35.33
C HIS A 80 13.79 16.40 -36.46
N THR A 81 13.20 16.61 -37.61
CA THR A 81 13.67 16.04 -38.83
C THR A 81 14.87 16.86 -39.23
N THR A 82 14.77 18.14 -39.00
CA THR A 82 15.85 19.00 -39.40
C THR A 82 16.01 20.17 -38.47
N ASN A 83 17.24 20.45 -38.11
CA ASN A 83 17.53 21.55 -37.21
C ASN A 83 19.01 21.81 -37.14
N SER A 84 19.37 22.95 -36.57
CA SER A 84 20.75 23.35 -36.45
C SER A 84 21.37 22.77 -35.19
N ASP A 85 20.53 22.37 -34.24
CA ASP A 85 21.01 21.85 -32.97
C ASP A 85 21.58 20.44 -32.90
N GLN A 86 21.50 19.64 -33.95
CA GLN A 86 22.03 18.26 -33.90
C GLN A 86 21.37 17.42 -32.79
N THR A 87 21.36 17.98 -31.59
CA THR A 87 20.77 17.36 -30.41
C THR A 87 19.28 17.17 -30.56
N LYS A 88 18.66 18.16 -31.19
CA LYS A 88 17.23 18.12 -31.37
C LYS A 88 16.82 17.17 -32.51
N LEU A 89 17.81 16.46 -33.07
CA LEU A 89 17.54 15.53 -34.15
C LEU A 89 17.22 14.12 -33.69
N PHE A 90 17.28 13.90 -32.38
CA PHE A 90 16.94 12.60 -31.85
C PHE A 90 16.57 12.76 -30.40
N ALA A 91 15.77 11.81 -29.92
CA ALA A 91 15.29 11.82 -28.56
C ALA A 91 15.98 10.73 -27.75
N SER A 92 16.04 10.91 -26.43
CA SER A 92 16.66 9.92 -25.56
C SER A 92 16.26 10.09 -24.10
N TRP A 93 16.00 9.00 -23.39
CA TRP A 93 15.69 9.11 -21.99
C TRP A 93 16.27 7.89 -21.31
N THR A 94 16.04 7.82 -20.00
CA THR A 94 16.53 6.74 -19.18
C THR A 94 15.31 6.00 -18.69
N ILE A 95 15.25 4.72 -19.00
CA ILE A 95 14.10 3.93 -18.66
C ILE A 95 13.73 3.93 -17.18
N SER A 96 12.45 4.21 -16.91
CA SER A 96 11.91 4.21 -15.57
C SER A 96 10.42 4.46 -15.71
N ALA A 97 9.64 4.16 -14.67
CA ALA A 97 8.20 4.39 -14.74
C ALA A 97 7.87 5.51 -13.78
N ARG A 98 8.86 6.35 -13.52
CA ARG A 98 8.67 7.41 -12.57
C ARG A 98 8.37 8.76 -13.13
N ARG A 99 8.15 8.89 -14.43
CA ARG A 99 7.91 10.22 -14.92
C ARG A 99 6.44 10.55 -15.23
N MET A 100 5.55 9.57 -15.18
CA MET A 100 4.13 9.85 -15.43
C MET A 100 3.46 9.23 -14.20
N VAL A 101 2.65 10.04 -13.53
CA VAL A 101 2.06 9.63 -12.28
C VAL A 101 1.06 8.50 -12.23
N GLN A 102 0.11 8.49 -13.14
CA GLN A 102 -0.88 7.45 -13.07
C GLN A 102 -0.25 6.07 -12.85
N MET A 103 0.64 5.67 -13.76
CA MET A 103 1.35 4.39 -13.72
C MET A 103 2.16 4.27 -12.47
N ARG A 104 2.86 5.33 -12.14
CA ARG A 104 3.69 5.31 -10.98
C ARG A 104 2.86 5.04 -9.71
N ARG A 105 1.77 5.76 -9.47
CA ARG A 105 1.00 5.51 -8.25
C ARG A 105 0.49 4.07 -8.23
N LYS A 106 0.13 3.51 -9.40
CA LYS A 106 -0.38 2.14 -9.45
C LYS A 106 0.74 1.19 -8.96
N LEU A 107 1.91 1.27 -9.56
CA LEU A 107 3.00 0.40 -9.12
C LEU A 107 3.36 0.57 -7.64
N GLU A 108 3.43 1.82 -7.20
CA GLU A 108 3.83 2.13 -5.84
C GLU A 108 2.91 1.66 -4.76
N ILE A 109 1.88 0.92 -5.14
CA ILE A 109 0.98 0.40 -4.12
C ILE A 109 1.65 -0.83 -3.55
N PHE A 110 2.63 -1.35 -4.26
CA PHE A 110 3.37 -2.53 -3.83
C PHE A 110 4.83 -2.16 -3.60
N THR A 111 5.48 -2.76 -2.61
CA THR A 111 6.88 -2.47 -2.36
C THR A 111 7.76 -3.13 -3.42
N TYR A 112 7.49 -4.39 -3.74
CA TYR A 112 8.25 -5.09 -4.78
C TYR A 112 7.35 -5.69 -5.84
N VAL A 113 7.81 -5.68 -7.07
CA VAL A 113 7.03 -6.27 -8.14
C VAL A 113 7.96 -6.99 -9.10
N ARG A 114 7.42 -8.03 -9.73
CA ARG A 114 8.18 -8.82 -10.68
C ARG A 114 7.28 -9.06 -11.88
N PHE A 115 7.80 -8.80 -13.07
CA PHE A 115 7.02 -9.01 -14.28
C PHE A 115 7.71 -8.78 -15.60
N ASP A 116 7.06 -9.34 -16.61
CA ASP A 116 7.50 -9.12 -17.98
C ASP A 116 6.74 -7.84 -18.37
N VAL A 117 7.19 -7.18 -19.44
CA VAL A 117 6.56 -5.95 -19.88
C VAL A 117 6.33 -5.91 -21.36
N GLU A 118 5.11 -5.54 -21.75
CA GLU A 118 4.77 -5.37 -23.15
C GLU A 118 4.91 -3.87 -23.43
N VAL A 119 5.91 -3.51 -24.22
CA VAL A 119 6.14 -2.12 -24.60
C VAL A 119 5.52 -1.82 -25.98
N THR A 120 4.75 -0.74 -26.06
CA THR A 120 4.09 -0.34 -27.31
C THR A 120 4.45 1.13 -27.47
N PHE A 121 4.83 1.52 -28.69
CA PHE A 121 5.22 2.89 -28.98
C PHE A 121 4.23 3.56 -29.91
N VAL A 122 3.83 4.78 -29.61
CA VAL A 122 2.96 5.52 -30.52
C VAL A 122 3.76 6.73 -30.99
N ILE A 123 4.06 6.75 -32.28
CA ILE A 123 4.86 7.82 -32.87
C ILE A 123 4.03 8.62 -33.85
N THR A 124 4.12 9.94 -33.75
CA THR A 124 3.38 10.84 -34.65
C THR A 124 4.27 11.98 -35.11
N SER A 125 3.99 12.52 -36.27
CA SER A 125 4.80 13.63 -36.76
C SER A 125 3.87 14.71 -37.26
N LYS A 126 4.34 15.94 -37.21
CA LYS A 126 3.51 17.03 -37.68
C LYS A 126 4.45 17.87 -38.48
N GLN A 127 3.91 18.68 -39.39
CA GLN A 127 4.78 19.56 -40.16
C GLN A 127 4.82 20.84 -39.37
N ASP A 128 6.02 21.36 -39.15
CA ASP A 128 6.20 22.59 -38.39
C ASP A 128 5.59 23.75 -39.16
N GLN A 129 5.16 24.73 -38.39
CA GLN A 129 4.56 25.97 -38.88
C GLN A 129 5.60 26.87 -39.57
N GLY A 130 5.23 27.49 -40.68
CA GLY A 130 6.17 28.36 -41.38
C GLY A 130 5.53 29.10 -42.54
N THR A 131 6.30 29.96 -43.20
CA THR A 131 5.75 30.75 -44.32
C THR A 131 5.51 29.93 -45.58
N GLN A 132 6.48 29.08 -45.92
CA GLN A 132 6.37 28.21 -47.08
C GLN A 132 5.99 26.84 -46.52
N LEU A 133 4.91 26.26 -47.04
CA LEU A 133 4.53 24.98 -46.48
C LEU A 133 4.48 23.83 -47.46
N GLY A 134 4.71 24.13 -48.73
CA GLY A 134 4.66 23.08 -49.72
C GLY A 134 5.91 22.26 -49.92
N GLN A 135 5.76 20.95 -49.75
CA GLN A 135 6.81 19.95 -49.95
C GLN A 135 6.12 18.60 -50.17
N ASP A 136 6.87 17.59 -50.54
CA ASP A 136 6.32 16.26 -50.82
C ASP A 136 7.29 15.25 -50.19
N MET A 137 7.25 15.15 -48.86
CA MET A 137 8.16 14.26 -48.15
C MET A 137 7.66 12.81 -48.14
N PRO A 138 8.50 11.85 -48.54
CA PRO A 138 8.00 10.48 -48.53
C PRO A 138 7.73 10.08 -47.08
N PRO A 139 7.20 8.88 -46.89
CA PRO A 139 6.89 8.39 -45.54
C PRO A 139 8.11 8.39 -44.62
N LEU A 140 7.93 8.81 -43.38
CA LEU A 140 9.01 8.81 -42.40
C LEU A 140 9.22 7.43 -41.76
N THR A 141 10.47 7.03 -41.69
CA THR A 141 10.80 5.76 -41.07
C THR A 141 11.66 6.07 -39.84
N HIS A 142 11.28 5.56 -38.68
CA HIS A 142 12.00 5.84 -37.46
C HIS A 142 12.83 4.65 -36.98
N GLN A 143 13.79 4.90 -36.09
CA GLN A 143 14.60 3.84 -35.50
C GLN A 143 14.58 4.04 -34.00
N ILE A 144 14.17 3.02 -33.25
CA ILE A 144 14.14 3.10 -31.78
C ILE A 144 15.26 2.16 -31.38
N MET A 145 16.18 2.59 -30.52
CA MET A 145 17.30 1.70 -30.13
C MET A 145 17.48 1.70 -28.63
N TYR A 146 17.63 0.50 -28.06
CA TYR A 146 17.79 0.37 -26.62
C TYR A 146 19.24 0.18 -26.22
N ILE A 147 19.72 1.01 -25.32
CA ILE A 147 21.11 0.88 -24.95
C ILE A 147 21.27 0.45 -23.51
N PRO A 148 21.54 -0.83 -23.29
CA PRO A 148 21.74 -1.39 -21.95
C PRO A 148 22.87 -0.62 -21.27
N PRO A 149 22.84 -0.50 -19.93
CA PRO A 149 23.93 0.25 -19.31
C PRO A 149 25.33 -0.19 -19.67
N GLY A 150 26.10 0.74 -20.22
CA GLY A 150 27.45 0.38 -20.58
C GLY A 150 27.66 0.39 -22.08
N GLY A 151 26.60 0.49 -22.85
CA GLY A 151 26.82 0.51 -24.28
C GLY A 151 27.19 1.89 -24.80
N PRO A 152 27.86 1.95 -25.96
CA PRO A 152 28.23 3.25 -26.52
C PRO A 152 26.95 4.03 -26.86
N ILE A 153 27.01 5.32 -26.54
CA ILE A 153 25.93 6.26 -26.73
C ILE A 153 26.01 7.16 -27.99
N PRO A 154 24.92 7.24 -28.78
CA PRO A 154 24.93 8.06 -30.00
C PRO A 154 25.24 9.52 -29.71
N LYS A 155 26.04 10.13 -30.58
CA LYS A 155 26.33 11.53 -30.40
C LYS A 155 25.75 12.39 -31.51
N SER A 156 25.07 11.82 -32.49
CA SER A 156 24.49 12.60 -33.59
C SER A 156 23.59 11.65 -34.31
N VAL A 157 22.72 12.16 -35.18
CA VAL A 157 21.83 11.23 -35.87
C VAL A 157 22.57 10.32 -36.81
N THR A 158 23.85 10.58 -37.02
CA THR A 158 24.58 9.74 -37.97
C THR A 158 25.78 8.95 -37.42
N ASP A 159 25.86 8.86 -36.10
CA ASP A 159 26.87 8.16 -35.33
C ASP A 159 26.93 6.67 -35.75
N TYR A 160 28.11 6.05 -35.73
CA TYR A 160 28.26 4.62 -36.12
C TYR A 160 27.42 3.69 -35.23
N THR A 161 27.17 4.21 -34.05
CA THR A 161 26.48 3.54 -33.00
C THR A 161 25.09 2.97 -33.38
N TRP A 162 24.44 3.63 -34.35
CA TRP A 162 23.10 3.23 -34.82
C TRP A 162 23.14 1.97 -35.67
N GLN A 163 24.34 1.42 -35.85
CA GLN A 163 24.53 0.19 -36.60
C GLN A 163 23.84 -0.99 -35.87
N THR A 164 23.54 -0.84 -34.55
CA THR A 164 22.93 -1.87 -33.68
C THR A 164 23.32 -3.30 -33.92
N SER A 165 24.60 -3.57 -34.14
CA SER A 165 25.01 -4.95 -34.41
C SER A 165 24.55 -5.84 -33.27
N THR A 166 24.35 -5.22 -32.10
CA THR A 166 23.97 -5.97 -30.93
C THR A 166 22.85 -5.40 -30.06
N ASN A 167 22.74 -4.09 -29.99
CA ASN A 167 21.65 -3.53 -29.21
C ASN A 167 20.41 -3.90 -29.99
N PRO A 168 19.29 -4.04 -29.31
CA PRO A 168 18.12 -4.39 -30.10
C PRO A 168 17.52 -3.09 -30.60
N SER A 169 17.10 -3.05 -31.87
CA SER A 169 16.46 -1.85 -32.43
C SER A 169 15.15 -2.17 -33.17
N ILE A 170 14.32 -1.16 -33.36
CA ILE A 170 13.07 -1.36 -34.10
C ILE A 170 13.02 -0.32 -35.18
N PHE A 171 12.79 -0.74 -36.40
CA PHE A 171 12.65 0.20 -37.49
C PHE A 171 11.17 0.10 -37.80
N TRP A 172 10.53 1.26 -37.96
CA TRP A 172 9.09 1.33 -38.23
C TRP A 172 8.76 2.51 -39.13
N THR A 173 7.77 2.32 -39.99
CA THR A 173 7.38 3.39 -40.91
C THR A 173 5.97 3.87 -40.58
N GLU A 174 5.78 5.18 -40.64
CA GLU A 174 4.48 5.78 -40.30
C GLU A 174 3.32 5.22 -41.12
N GLY A 175 2.15 5.17 -40.50
CA GLY A 175 0.99 4.66 -41.21
C GLY A 175 0.66 3.22 -40.84
N ASN A 176 1.67 2.50 -40.34
CA ASN A 176 1.45 1.14 -39.93
C ASN A 176 1.08 1.06 -38.47
N ALA A 177 0.78 -0.13 -37.99
CA ALA A 177 0.39 -0.31 -36.61
C ALA A 177 1.54 0.10 -35.71
N PRO A 178 1.23 0.59 -34.51
CA PRO A 178 2.29 1.01 -33.59
C PRO A 178 3.19 -0.17 -33.32
N PRO A 179 4.49 0.08 -33.17
CA PRO A 179 5.50 -0.96 -32.90
C PRO A 179 5.26 -1.54 -31.51
N ARG A 180 5.64 -2.80 -31.29
CA ARG A 180 5.43 -3.43 -29.97
C ARG A 180 6.37 -4.60 -29.74
N MET A 181 6.73 -4.90 -28.49
CA MET A 181 7.56 -6.06 -28.14
C MET A 181 7.51 -6.35 -26.67
N SER A 182 7.83 -7.58 -26.32
CA SER A 182 7.85 -7.97 -24.92
C SER A 182 9.30 -7.93 -24.45
N ILE A 183 9.48 -7.55 -23.18
CA ILE A 183 10.78 -7.53 -22.49
C ILE A 183 10.60 -8.41 -21.24
N PRO A 184 11.55 -9.31 -20.97
CA PRO A 184 11.42 -10.18 -19.80
C PRO A 184 11.73 -9.46 -18.49
N PHE A 185 11.60 -10.15 -17.37
CA PHE A 185 11.92 -9.56 -16.07
C PHE A 185 13.44 -9.38 -16.13
N ILE A 186 13.85 -8.14 -16.19
CA ILE A 186 15.24 -7.83 -16.40
C ILE A 186 16.12 -7.46 -15.21
N SER A 187 15.57 -7.53 -14.01
CA SER A 187 16.35 -7.13 -12.84
C SER A 187 17.56 -7.93 -12.49
N ILE A 188 18.46 -7.26 -11.81
CA ILE A 188 19.68 -7.84 -11.28
C ILE A 188 19.24 -8.57 -10.01
N GLY A 189 18.15 -8.11 -9.40
CA GLY A 189 17.66 -8.70 -8.15
C GLY A 189 16.52 -9.67 -8.35
N ASN A 190 15.89 -10.13 -7.27
CA ASN A 190 14.81 -11.09 -7.43
C ASN A 190 13.46 -10.48 -7.71
N ALA A 191 13.34 -9.17 -7.59
CA ALA A 191 12.09 -8.46 -7.86
C ALA A 191 12.48 -7.02 -8.05
N TYR A 192 11.75 -6.28 -8.88
CA TYR A 192 12.06 -4.88 -9.07
C TYR A 192 11.67 -4.26 -7.72
N SER A 193 12.45 -3.31 -7.25
CA SER A 193 12.16 -2.68 -5.97
C SER A 193 11.58 -1.26 -6.18
N ASN A 194 10.38 -0.98 -5.70
CA ASN A 194 9.81 0.36 -5.93
C ASN A 194 10.24 1.43 -4.92
N PHE A 195 10.74 0.98 -3.77
CA PHE A 195 11.23 1.86 -2.71
C PHE A 195 12.53 1.25 -2.19
N TYR A 196 13.46 2.08 -1.74
CA TYR A 196 14.74 1.61 -1.22
C TYR A 196 15.18 2.66 -0.19
N ASP A 197 15.02 2.33 1.09
CA ASP A 197 15.35 3.20 2.24
C ASP A 197 16.83 2.90 2.47
N GLY A 198 17.64 3.32 1.50
CA GLY A 198 19.06 3.05 1.55
C GLY A 198 19.91 3.93 0.66
N TRP A 199 21.21 3.67 0.69
CA TRP A 199 22.18 4.46 -0.05
C TRP A 199 22.95 3.68 -1.04
N SER A 200 23.69 4.41 -1.86
CA SER A 200 24.52 3.77 -2.87
C SER A 200 25.91 3.46 -2.28
N HIS A 201 26.40 4.35 -1.42
CA HIS A 201 27.70 4.16 -0.79
C HIS A 201 27.62 3.50 0.57
N PHE A 202 28.64 2.71 0.90
CA PHE A 202 28.63 1.99 2.15
C PHE A 202 28.74 2.90 3.36
N SER A 203 29.21 4.11 3.13
CA SER A 203 29.36 5.05 4.22
C SER A 203 28.06 5.83 4.46
N GLN A 204 26.92 5.23 4.10
CA GLN A 204 25.61 5.84 4.31
C GLN A 204 25.43 7.23 3.70
N ASN A 205 25.97 7.41 2.50
CA ASN A 205 25.81 8.66 1.78
C ASN A 205 25.84 8.33 0.30
N GLY A 206 25.99 9.34 -0.54
CA GLY A 206 25.94 9.09 -1.97
C GLY A 206 24.52 9.43 -2.43
N VAL A 207 23.86 8.54 -3.17
CA VAL A 207 22.50 8.84 -3.61
C VAL A 207 21.55 8.03 -2.75
N TYR A 208 20.43 8.64 -2.38
CA TYR A 208 19.44 7.97 -1.56
C TYR A 208 18.22 7.52 -2.37
N GLY A 209 17.74 6.33 -2.08
CA GLY A 209 16.51 5.89 -2.73
C GLY A 209 16.51 5.18 -4.05
N TYR A 210 15.30 5.09 -4.61
CA TYR A 210 15.05 4.39 -5.87
C TYR A 210 16.15 4.50 -6.87
N ASN A 211 16.72 5.68 -7.04
CA ASN A 211 17.70 5.75 -8.07
C ASN A 211 18.90 4.86 -8.04
N THR A 212 19.48 4.65 -6.88
CA THR A 212 20.64 3.80 -6.79
C THR A 212 20.34 2.37 -7.33
N LEU A 213 19.08 1.95 -7.26
CA LEU A 213 18.67 0.62 -7.72
C LEU A 213 18.30 0.43 -9.18
N ASN A 214 17.98 1.54 -9.85
CA ASN A 214 17.59 1.62 -11.26
C ASN A 214 18.64 1.04 -12.19
N HIS A 215 19.09 1.84 -13.13
CA HIS A 215 20.11 1.41 -14.08
C HIS A 215 19.68 0.31 -14.97
N MET A 216 18.74 0.66 -15.86
CA MET A 216 18.20 -0.27 -16.81
C MET A 216 18.48 0.23 -18.20
N GLY A 217 19.42 1.15 -18.29
CA GLY A 217 19.78 1.69 -19.59
C GLY A 217 18.84 2.76 -20.10
N GLN A 218 19.05 3.12 -21.36
CA GLN A 218 18.26 4.15 -21.98
C GLN A 218 17.80 3.89 -23.41
N ILE A 219 16.89 4.73 -23.90
CA ILE A 219 16.37 4.59 -25.25
C ILE A 219 16.71 5.79 -26.10
N TYR A 220 17.09 5.53 -27.36
CA TYR A 220 17.39 6.60 -28.32
C TYR A 220 16.54 6.38 -29.54
N VAL A 221 15.93 7.45 -30.05
CA VAL A 221 15.10 7.29 -31.22
C VAL A 221 15.40 8.46 -32.14
N ARG A 222 15.50 8.18 -33.44
CA ARG A 222 15.83 9.15 -34.48
C ARG A 222 15.06 8.84 -35.78
N HIS A 223 15.03 9.78 -36.73
CA HIS A 223 14.38 9.51 -38.01
C HIS A 223 15.46 8.85 -38.82
N VAL A 224 15.09 8.08 -39.83
CA VAL A 224 16.10 7.42 -40.66
C VAL A 224 16.19 8.07 -42.04
N ASN A 225 15.09 8.65 -42.55
CA ASN A 225 15.11 9.30 -43.87
C ASN A 225 16.13 10.42 -43.78
N GLY A 226 16.15 11.00 -42.59
CA GLY A 226 17.02 12.10 -42.25
C GLY A 226 17.05 13.29 -43.19
N SER A 227 16.04 14.16 -43.22
CA SER A 227 16.13 15.34 -44.10
C SER A 227 15.12 16.46 -44.11
N SER A 228 14.02 16.22 -44.83
CA SER A 228 12.92 17.14 -45.06
C SER A 228 13.30 18.59 -45.36
N PRO A 229 12.93 19.05 -46.56
CA PRO A 229 13.19 20.40 -47.03
C PRO A 229 12.73 21.40 -45.97
N LEU A 230 11.49 21.24 -45.53
CA LEU A 230 10.97 22.14 -44.51
C LEU A 230 10.96 21.38 -43.21
N PRO A 231 11.11 22.08 -42.08
CA PRO A 231 11.12 21.45 -40.75
C PRO A 231 9.84 20.74 -40.35
N MET A 232 10.05 19.57 -39.72
CA MET A 232 8.97 18.76 -39.23
C MET A 232 9.41 18.30 -37.84
N THR A 233 8.45 17.84 -37.06
CA THR A 233 8.79 17.35 -35.76
C THR A 233 7.87 16.19 -35.32
N SER A 234 8.53 15.18 -34.75
CA SER A 234 7.89 13.97 -34.31
C SER A 234 7.87 13.84 -32.82
N THR A 235 6.86 13.14 -32.33
CA THR A 235 6.73 12.90 -30.91
C THR A 235 6.64 11.40 -30.74
N VAL A 236 7.44 10.90 -29.80
CA VAL A 236 7.41 9.47 -29.52
C VAL A 236 6.79 9.28 -28.14
N ARG A 237 5.81 8.39 -28.06
CA ARG A 237 5.15 8.06 -26.79
C ARG A 237 5.36 6.57 -26.53
N MET A 238 5.82 6.24 -25.33
CA MET A 238 6.08 4.86 -24.94
C MET A 238 5.11 4.39 -23.87
N TYR A 239 4.54 3.20 -24.11
CA TYR A 239 3.59 2.63 -23.17
C TYR A 239 4.07 1.30 -22.61
N PHE A 240 3.82 1.10 -21.32
CA PHE A 240 4.18 -0.11 -20.57
C PHE A 240 2.94 -0.88 -20.12
N LYS A 241 2.89 -2.18 -20.38
CA LYS A 241 1.76 -3.00 -19.90
C LYS A 241 2.44 -4.17 -19.20
N PRO A 242 2.54 -4.12 -17.87
CA PRO A 242 3.19 -5.26 -17.23
C PRO A 242 2.32 -6.51 -17.42
N LYS A 243 2.95 -7.68 -17.51
CA LYS A 243 2.18 -8.91 -17.65
C LYS A 243 2.96 -10.04 -16.95
N HIS A 244 2.23 -11.02 -16.40
CA HIS A 244 2.85 -12.15 -15.67
C HIS A 244 3.41 -11.58 -14.35
N VAL A 245 2.53 -10.91 -13.64
CA VAL A 245 2.87 -10.20 -12.42
C VAL A 245 2.87 -10.90 -11.08
N LYS A 246 3.70 -10.38 -10.19
CA LYS A 246 3.77 -10.85 -8.80
C LYS A 246 4.12 -9.60 -8.00
N ALA A 247 3.45 -9.44 -6.85
CA ALA A 247 3.66 -8.26 -6.02
C ALA A 247 3.74 -8.62 -4.53
N TRP A 248 4.56 -7.85 -3.81
CA TRP A 248 4.72 -8.08 -2.38
C TRP A 248 4.69 -6.81 -1.48
N VAL A 249 4.27 -7.05 -0.24
CA VAL A 249 4.11 -6.07 0.81
C VAL A 249 3.51 -4.77 0.30
N PRO A 250 2.18 -4.76 0.30
CA PRO A 250 1.37 -3.63 -0.14
C PRO A 250 1.59 -2.47 0.83
N ARG A 251 1.45 -1.25 0.33
CA ARG A 251 1.61 -0.08 1.17
C ARG A 251 0.51 0.97 0.88
N PRO A 252 0.30 1.95 1.76
CA PRO A 252 -0.76 2.88 1.35
C PRO A 252 -0.50 3.60 0.04
N PRO A 253 -1.57 3.93 -0.68
CA PRO A 253 -1.51 4.63 -1.96
C PRO A 253 -0.96 6.02 -1.72
N ARG A 254 -0.15 6.50 -2.63
CA ARG A 254 0.46 7.81 -2.46
C ARG A 254 -0.63 8.84 -2.26
N LEU A 255 -0.55 9.60 -1.17
CA LEU A 255 -1.53 10.65 -0.83
C LEU A 255 -1.13 12.05 -1.31
N CYS A 256 0.11 12.46 -1.11
CA CYS A 256 0.56 13.79 -1.54
C CYS A 256 1.00 13.75 -2.98
N GLN A 257 0.86 14.84 -3.72
CA GLN A 257 1.32 14.82 -5.10
C GLN A 257 2.83 14.60 -5.16
N TYR A 258 3.30 14.08 -6.29
CA TYR A 258 4.72 13.80 -6.52
C TYR A 258 5.42 15.09 -6.85
N LYS A 259 6.65 15.27 -6.38
CA LYS A 259 7.33 16.52 -6.68
C LYS A 259 8.37 16.32 -7.77
N ASN A 260 9.04 15.17 -7.83
CA ASN A 260 10.00 14.97 -8.91
C ASN A 260 10.22 13.49 -9.16
N ALA A 261 11.07 13.16 -10.12
CA ALA A 261 11.20 11.75 -10.44
C ALA A 261 12.17 10.93 -9.59
N SER A 262 13.17 11.58 -9.04
CA SER A 262 14.19 10.88 -8.27
C SER A 262 13.96 10.70 -6.80
N THR A 263 12.94 11.34 -6.31
CA THR A 263 12.69 11.27 -4.91
C THR A 263 11.25 10.92 -4.58
N VAL A 264 11.02 10.70 -3.30
CA VAL A 264 9.72 10.40 -2.78
C VAL A 264 9.14 11.71 -2.17
N ASN A 265 9.89 12.82 -2.33
CA ASN A 265 9.56 14.13 -1.76
C ASN A 265 8.19 14.61 -1.97
N PHE A 266 7.68 15.31 -0.96
CA PHE A 266 6.31 15.81 -1.00
C PHE A 266 6.17 16.99 -0.05
N SER A 267 5.06 17.70 -0.19
CA SER A 267 4.75 18.84 0.68
C SER A 267 3.66 18.32 1.59
N PRO A 268 3.54 18.89 2.79
CA PRO A 268 2.48 18.40 3.68
C PRO A 268 1.15 18.55 3.00
N THR A 269 0.30 17.53 3.01
CA THR A 269 -1.00 17.69 2.38
C THR A 269 -2.14 17.16 3.30
N ASP A 270 -3.36 17.65 3.10
CA ASP A 270 -4.52 17.27 3.93
C ASP A 270 -4.88 15.80 3.95
N ILE A 271 -5.27 15.29 5.12
CA ILE A 271 -5.65 13.89 5.19
C ILE A 271 -6.82 13.57 4.29
N THR A 272 -7.77 14.49 4.20
CA THR A 272 -8.98 14.36 3.36
C THR A 272 -9.70 15.74 3.26
N ASP A 273 -10.91 15.79 2.71
CA ASP A 273 -11.66 17.04 2.58
C ASP A 273 -12.42 17.35 3.82
N LYS A 274 -12.68 18.62 4.08
CA LYS A 274 -13.42 18.99 5.28
C LYS A 274 -14.92 18.90 5.01
N ARG A 275 -15.68 18.95 6.11
CA ARG A 275 -17.15 18.99 6.06
C ARG A 275 -17.55 19.88 7.25
N ASN A 276 -18.81 20.27 7.32
CA ASN A 276 -19.22 21.21 8.37
C ASN A 276 -19.06 20.87 9.79
N SER A 277 -19.51 19.70 10.17
CA SER A 277 -19.40 19.30 11.55
C SER A 277 -19.32 17.81 11.51
N ILE A 278 -18.96 17.23 12.66
CA ILE A 278 -18.81 15.80 12.76
C ILE A 278 -20.17 15.07 12.66
N THR A 279 -21.27 15.84 12.59
CA THR A 279 -22.60 15.22 12.47
C THR A 279 -23.32 15.59 11.19
N TYR A 280 -22.64 16.37 10.38
CA TYR A 280 -23.25 16.80 9.15
C TYR A 280 -23.51 15.71 8.11
N ILE A 281 -24.79 15.55 7.81
CA ILE A 281 -25.25 14.61 6.80
C ILE A 281 -26.30 15.41 6.06
N PRO A 282 -26.01 15.74 4.80
CA PRO A 282 -26.92 16.51 3.95
C PRO A 282 -28.32 15.93 3.84
N ASP A 283 -29.31 16.81 3.77
CA ASP A 283 -30.69 16.35 3.66
C ASP A 283 -31.13 16.21 2.21
N THR A 284 -31.27 14.97 1.73
CA THR A 284 -31.76 14.70 0.37
C THR A 284 -33.21 14.38 0.79
N VAL A 285 -34.11 13.94 -0.06
CA VAL A 285 -35.48 13.67 0.48
C VAL A 285 -36.16 14.86 1.18
N LYS A 286 -36.52 15.87 0.40
CA LYS A 286 -37.21 17.04 0.89
C LYS A 286 -37.96 17.55 -0.33
N PRO A 287 -39.09 18.26 -0.16
CA PRO A 287 -39.73 18.70 -1.42
C PRO A 287 -38.88 19.73 -2.26
N ASP A 288 -37.55 19.61 -2.10
CA ASP A 288 -36.46 20.40 -2.71
C ASP A 288 -36.30 21.81 -2.07
N VAL A 289 -35.50 21.87 -0.97
CA VAL A 289 -35.17 23.09 -0.13
C VAL A 289 -34.27 24.17 -0.77
N SER A 290 -34.24 25.31 -0.24
N SER B 10 -4.88 -16.69 32.29
CA SER B 10 -5.22 -15.73 31.18
C SER B 10 -4.17 -15.76 30.05
N ASP B 11 -4.54 -15.20 28.89
CA ASP B 11 -3.65 -15.10 27.69
C ASP B 11 -3.02 -13.72 27.55
N ARG B 12 -3.14 -12.97 28.64
CA ARG B 12 -2.58 -11.63 28.77
C ARG B 12 -1.14 -11.95 29.23
N VAL B 13 -0.98 -13.02 30.03
CA VAL B 13 0.32 -13.47 30.54
C VAL B 13 1.14 -14.02 29.38
N ARG B 14 2.45 -13.78 29.41
CA ARG B 14 3.33 -14.24 28.35
C ARG B 14 4.83 -14.02 28.65
N SER B 15 5.66 -14.99 28.26
CA SER B 15 7.13 -14.96 28.45
C SER B 15 7.89 -15.26 27.09
N ILE B 16 9.08 -14.73 26.86
CA ILE B 16 9.82 -14.98 25.60
C ILE B 16 11.30 -15.08 25.96
N THR B 17 11.99 -16.08 25.44
CA THR B 17 13.40 -16.26 25.74
C THR B 17 14.32 -16.39 24.54
N LEU B 18 15.31 -15.53 24.42
CA LEU B 18 16.22 -15.65 23.31
C LEU B 18 17.58 -15.44 23.91
N GLY B 19 18.46 -16.42 23.73
CA GLY B 19 19.81 -16.30 24.28
C GLY B 19 19.82 -16.26 25.79
N ASN B 20 20.56 -15.32 26.37
CA ASN B 20 20.61 -15.24 27.82
C ASN B 20 19.61 -14.22 28.36
N SER B 21 18.56 -13.96 27.57
CA SER B 21 17.56 -12.98 27.96
C SER B 21 16.09 -13.44 27.85
N THR B 22 15.29 -12.99 28.81
CA THR B 22 13.85 -13.29 28.87
C THR B 22 12.97 -12.07 29.15
N ILE B 23 11.88 -11.97 28.40
CA ILE B 23 10.91 -10.90 28.57
C ILE B 23 9.62 -11.50 29.15
N THR B 24 8.91 -10.72 29.97
CA THR B 24 7.62 -11.16 30.51
C THR B 24 6.61 -10.00 30.42
N THR B 25 5.32 -10.34 30.40
CA THR B 25 4.19 -9.37 30.45
C THR B 25 3.04 -10.05 31.17
N GLN B 26 2.28 -9.24 31.90
CA GLN B 26 1.12 -9.74 32.59
C GLN B 26 -0.13 -9.14 31.84
N GLU B 27 0.13 -8.25 30.86
CA GLU B 27 -0.91 -7.59 30.07
C GLU B 27 -0.60 -7.42 28.59
N SER B 28 -0.48 -8.54 27.89
CA SER B 28 -0.21 -8.55 26.46
C SER B 28 -1.52 -8.65 25.67
N ALA B 29 -1.44 -8.32 24.39
CA ALA B 29 -2.58 -8.52 23.52
C ALA B 29 -2.13 -9.87 22.99
N ASN B 30 -1.75 -9.86 21.74
CA ASN B 30 -1.33 -11.11 21.19
C ASN B 30 0.16 -11.00 20.88
N VAL B 31 0.54 -11.46 19.69
CA VAL B 31 1.87 -11.34 19.15
C VAL B 31 1.60 -11.31 17.65
N VAL B 32 2.12 -10.32 16.95
CA VAL B 32 1.88 -10.26 15.53
C VAL B 32 3.11 -10.83 14.84
N VAL B 33 2.84 -11.62 13.81
CA VAL B 33 3.93 -12.19 13.07
C VAL B 33 3.94 -11.72 11.63
N GLY B 34 5.03 -11.04 11.29
CA GLY B 34 5.26 -10.59 9.94
C GLY B 34 4.09 -10.65 9.02
N TYR B 35 4.24 -11.25 7.87
CA TYR B 35 3.08 -11.28 7.00
C TYR B 35 2.78 -12.71 7.11
N GLY B 36 2.71 -13.10 8.38
CA GLY B 36 2.47 -14.48 8.70
C GLY B 36 3.76 -15.29 8.58
N ARG B 37 4.92 -14.66 8.44
CA ARG B 37 6.10 -15.48 8.31
C ARG B 37 7.14 -15.36 9.38
N TRP B 38 7.43 -16.50 9.97
CA TRP B 38 8.42 -16.61 11.02
C TRP B 38 9.82 -16.55 10.37
N PRO B 39 10.82 -15.95 11.03
CA PRO B 39 12.16 -15.87 10.44
C PRO B 39 12.76 -17.25 10.20
N GLU B 40 13.56 -17.37 9.15
CA GLU B 40 14.18 -18.64 8.82
C GLU B 40 15.57 -18.26 8.32
N TYR B 41 16.49 -19.22 8.31
CA TYR B 41 17.83 -18.98 7.81
C TYR B 41 17.75 -19.17 6.28
N LEU B 42 18.67 -18.55 5.53
CA LEU B 42 18.68 -18.64 4.07
C LEU B 42 18.86 -20.06 3.54
N ARG B 43 18.02 -20.51 2.62
CA ARG B 43 18.11 -21.89 2.11
C ARG B 43 19.04 -22.01 0.91
N ASP B 44 19.61 -23.19 0.70
CA ASP B 44 20.56 -23.33 -0.41
C ASP B 44 20.03 -22.98 -1.77
N ASP B 45 18.72 -23.16 -1.99
CA ASP B 45 18.17 -22.86 -3.30
C ASP B 45 17.71 -21.42 -3.46
N GLU B 46 18.10 -20.59 -2.49
CA GLU B 46 17.77 -19.18 -2.50
C GLU B 46 19.02 -18.35 -2.35
N ALA B 47 20.16 -18.99 -2.16
CA ALA B 47 21.42 -18.27 -1.95
C ALA B 47 22.28 -17.90 -3.17
N THR B 48 23.09 -16.83 -3.07
CA THR B 48 24.06 -16.54 -4.15
C THR B 48 25.44 -16.47 -3.54
N ALA B 49 25.58 -15.75 -2.43
CA ALA B 49 26.89 -15.65 -1.79
C ALA B 49 27.26 -17.07 -1.43
N GLU B 50 28.43 -17.48 -1.94
CA GLU B 50 28.98 -18.84 -1.80
C GLU B 50 29.80 -19.20 -0.59
N ASP B 51 30.28 -18.23 0.17
CA ASP B 51 31.08 -18.58 1.31
C ASP B 51 30.26 -19.09 2.51
N GLN B 52 30.88 -19.87 3.36
CA GLN B 52 30.22 -20.34 4.57
C GLN B 52 29.75 -19.17 5.46
N PRO B 53 28.49 -19.20 5.93
CA PRO B 53 28.02 -18.11 6.79
C PRO B 53 28.51 -18.31 8.23
N THR B 54 28.39 -17.28 9.07
CA THR B 54 28.71 -17.34 10.50
C THR B 54 27.33 -17.23 11.09
N GLN B 55 27.02 -18.05 12.07
CA GLN B 55 25.72 -17.92 12.70
C GLN B 55 25.97 -17.95 14.19
N PRO B 56 26.39 -16.80 14.75
CA PRO B 56 26.73 -16.55 16.15
C PRO B 56 25.68 -17.07 17.13
N ASP B 57 24.45 -17.18 16.64
CA ASP B 57 23.38 -17.68 17.46
C ASP B 57 23.13 -16.86 18.75
N VAL B 58 23.30 -17.49 19.93
CA VAL B 58 23.00 -16.82 21.19
C VAL B 58 23.73 -15.51 21.44
N ALA B 59 24.99 -15.44 21.02
CA ALA B 59 25.78 -14.24 21.23
C ALA B 59 25.17 -13.03 20.54
N THR B 60 24.36 -13.34 19.55
CA THR B 60 23.79 -12.35 18.66
C THR B 60 22.27 -12.24 18.64
N CYS B 61 21.58 -13.37 18.79
CA CYS B 61 20.14 -13.39 18.74
C CYS B 61 19.59 -13.37 20.16
N ARG B 62 19.50 -12.15 20.71
CA ARG B 62 19.03 -11.91 22.07
C ARG B 62 18.42 -10.51 22.21
N PHE B 63 17.83 -10.23 23.37
CA PHE B 63 17.21 -8.93 23.56
C PHE B 63 18.13 -7.74 23.90
N TYR B 64 18.14 -6.75 23.02
CA TYR B 64 18.92 -5.54 23.25
C TYR B 64 17.89 -4.46 23.59
N THR B 65 18.08 -3.70 24.67
CA THR B 65 17.10 -2.68 24.98
C THR B 65 17.66 -1.30 24.58
N LEU B 66 16.92 -0.54 23.78
CA LEU B 66 17.38 0.79 23.36
C LEU B 66 17.01 1.81 24.41
N GLU B 67 17.62 2.97 24.33
CA GLU B 67 17.38 4.06 25.28
C GLU B 67 15.89 4.46 25.21
N SER B 68 15.22 4.61 26.36
CA SER B 68 13.78 4.92 26.40
C SER B 68 13.40 6.33 25.97
N VAL B 69 12.11 6.56 25.67
CA VAL B 69 11.65 7.91 25.32
C VAL B 69 10.48 8.30 26.23
N THR B 70 10.23 9.61 26.37
CA THR B 70 9.15 10.05 27.24
C THR B 70 7.89 10.42 26.49
N TRP B 71 6.78 9.83 26.87
CA TRP B 71 5.52 10.15 26.22
C TRP B 71 4.95 11.37 26.94
N GLU B 72 4.88 12.47 26.21
CA GLU B 72 4.35 13.70 26.74
C GLU B 72 2.97 13.93 26.19
N LYS B 73 2.18 14.76 26.89
CA LYS B 73 0.82 15.03 26.44
C LYS B 73 0.70 15.48 24.99
N ASP B 74 1.81 15.93 24.39
CA ASP B 74 1.77 16.40 23.00
C ASP B 74 2.82 15.77 22.05
N SER B 75 3.36 14.61 22.42
CA SER B 75 4.34 13.94 21.59
C SER B 75 3.67 13.56 20.28
N PRO B 76 4.32 13.87 19.16
CA PRO B 76 3.79 13.55 17.84
C PRO B 76 4.09 12.11 17.54
N GLY B 77 5.30 11.68 17.88
CA GLY B 77 5.69 10.31 17.60
C GLY B 77 7.19 10.15 17.55
N TRP B 78 7.63 8.94 17.22
CA TRP B 78 9.05 8.61 17.13
C TRP B 78 9.30 7.52 16.09
N TRP B 79 10.55 7.37 15.65
CA TRP B 79 10.91 6.29 14.73
C TRP B 79 12.36 5.88 14.86
N TRP B 80 12.66 4.69 14.36
CA TRP B 80 14.01 4.15 14.38
C TRP B 80 14.20 3.39 13.08
N LYS B 81 15.39 3.49 12.46
CA LYS B 81 15.66 2.77 11.20
C LYS B 81 16.23 1.41 11.65
N PHE B 82 16.10 0.30 10.89
CA PHE B 82 16.63 -0.84 11.56
C PHE B 82 17.88 -1.61 11.45
N PRO B 83 18.20 -2.32 10.39
CA PRO B 83 19.52 -2.86 10.88
C PRO B 83 20.45 -1.81 11.63
N ASP B 84 20.57 -0.57 11.12
CA ASP B 84 21.36 0.53 11.77
C ASP B 84 20.59 0.85 13.02
N ALA B 85 21.18 0.99 14.20
CA ALA B 85 20.33 1.27 15.44
C ALA B 85 20.66 0.23 16.43
N LEU B 86 21.12 -0.88 15.89
CA LEU B 86 21.56 -1.97 16.69
C LEU B 86 23.05 -2.09 16.35
N LYS B 87 23.56 -1.18 15.51
CA LYS B 87 24.98 -1.28 15.11
C LYS B 87 26.00 -1.20 16.24
N ASP B 88 25.60 -0.78 17.43
CA ASP B 88 26.56 -0.75 18.53
C ASP B 88 26.17 -1.67 19.64
N MET B 89 25.23 -2.57 19.33
CA MET B 89 24.79 -3.54 20.30
C MET B 89 25.62 -4.84 20.29
N GLY B 90 26.51 -4.95 21.27
CA GLY B 90 27.32 -6.13 21.44
C GLY B 90 27.86 -6.84 20.22
N LEU B 91 27.72 -8.17 20.18
CA LEU B 91 28.27 -8.89 19.05
C LEU B 91 27.43 -8.78 17.79
N PHE B 92 26.18 -8.34 17.93
CA PHE B 92 25.35 -8.20 16.74
C PHE B 92 25.94 -7.09 15.93
N GLY B 93 26.37 -6.03 16.62
CA GLY B 93 26.98 -4.91 15.94
C GLY B 93 28.36 -5.25 15.40
N GLN B 94 29.16 -5.98 16.18
CA GLN B 94 30.49 -6.34 15.72
C GLN B 94 30.39 -7.17 14.46
N ASN B 95 29.48 -8.13 14.43
CA ASN B 95 29.36 -8.94 13.23
C ASN B 95 28.95 -8.05 12.05
N MET B 96 28.20 -6.98 12.30
CA MET B 96 27.84 -6.05 11.24
C MET B 96 29.09 -5.37 10.66
N TYR B 97 29.94 -4.87 11.56
CA TYR B 97 31.11 -4.16 11.09
C TYR B 97 32.05 -5.01 10.27
N TYR B 98 32.23 -6.26 10.66
CA TYR B 98 33.14 -7.16 9.96
C TYR B 98 32.68 -7.86 8.69
N HIS B 99 31.38 -7.83 8.40
CA HIS B 99 30.89 -8.52 7.21
C HIS B 99 30.24 -7.59 6.20
N TYR B 100 30.38 -7.96 4.93
CA TYR B 100 29.80 -7.23 3.82
C TYR B 100 28.31 -7.48 3.76
N LEU B 101 27.91 -8.75 3.98
CA LEU B 101 26.50 -9.14 3.93
C LEU B 101 25.93 -9.69 5.23
N GLY B 102 24.67 -9.36 5.50
CA GLY B 102 24.03 -9.83 6.70
C GLY B 102 22.54 -10.06 6.46
N ARG B 103 21.90 -10.84 7.34
CA ARG B 103 20.49 -11.15 7.20
C ARG B 103 19.92 -11.52 8.57
N ALA B 104 18.78 -10.90 8.90
CA ALA B 104 18.19 -11.22 10.18
C ALA B 104 16.74 -10.87 10.25
N GLY B 105 16.08 -11.52 11.22
CA GLY B 105 14.69 -11.28 11.50
C GLY B 105 14.69 -10.66 12.89
N TYR B 106 13.54 -10.20 13.39
CA TYR B 106 13.55 -9.61 14.72
C TYR B 106 12.28 -9.80 15.53
N THR B 107 12.43 -9.81 16.83
CA THR B 107 11.27 -9.83 17.70
C THR B 107 11.37 -8.43 18.31
N ILE B 108 10.33 -7.65 18.10
CA ILE B 108 10.31 -6.30 18.60
C ILE B 108 9.30 -6.27 19.72
N HIS B 109 9.72 -5.74 20.87
CA HIS B 109 8.83 -5.66 22.03
C HIS B 109 8.82 -4.22 22.61
N VAL B 110 7.76 -3.47 22.30
CA VAL B 110 7.58 -2.12 22.79
C VAL B 110 6.83 -2.16 24.14
N GLN B 111 7.41 -1.54 25.17
CA GLN B 111 6.83 -1.56 26.51
C GLN B 111 6.34 -0.18 27.00
N CYS B 112 5.12 -0.13 27.52
CA CYS B 112 4.60 1.14 28.06
C CYS B 112 3.47 0.89 29.04
N ASN B 113 3.75 1.03 30.34
CA ASN B 113 2.72 0.82 31.33
C ASN B 113 2.30 2.15 31.94
N ALA B 114 1.04 2.24 32.33
CA ALA B 114 0.53 3.46 32.94
C ALA B 114 -0.39 3.00 34.08
N SER B 115 -1.62 3.50 34.19
CA SER B 115 -2.49 3.06 35.28
C SER B 115 -3.92 3.01 34.84
N LYS B 116 -4.78 2.35 35.61
CA LYS B 116 -6.17 2.29 35.22
C LYS B 116 -6.79 3.69 35.13
N PHE B 117 -6.08 4.72 35.62
CA PHE B 117 -6.63 6.08 35.55
C PHE B 117 -5.99 6.98 34.51
N HIS B 118 -5.13 6.39 33.68
CA HIS B 118 -4.47 7.10 32.59
C HIS B 118 -5.17 6.70 31.28
N GLN B 119 -4.95 7.42 30.19
CA GLN B 119 -5.53 7.02 28.92
C GLN B 119 -4.65 7.48 27.79
N GLY B 120 -4.72 6.77 26.66
CA GLY B 120 -3.91 7.11 25.51
C GLY B 120 -3.78 5.90 24.61
N CYS B 121 -3.44 6.12 23.35
CA CYS B 121 -3.32 5.02 22.44
C CYS B 121 -2.20 5.20 21.39
N LEU B 122 -1.27 4.25 21.38
CA LEU B 122 -0.11 4.26 20.47
C LEU B 122 -0.25 3.25 19.32
N LEU B 123 0.11 3.65 18.10
CA LEU B 123 0.13 2.71 16.98
C LEU B 123 1.61 2.28 16.94
N VAL B 124 1.90 0.98 16.89
CA VAL B 124 3.30 0.51 16.83
C VAL B 124 3.41 -0.26 15.51
N VAL B 125 4.18 0.29 14.55
CA VAL B 125 4.32 -0.30 13.23
C VAL B 125 5.72 -0.53 12.72
N CYS B 126 5.88 -1.60 11.96
CA CYS B 126 7.15 -1.88 11.30
C CYS B 126 6.87 -1.69 9.82
N VAL B 127 7.47 -0.65 9.25
CA VAL B 127 7.30 -0.35 7.83
C VAL B 127 8.51 -0.81 7.01
N PRO B 128 8.33 -1.85 6.17
CA PRO B 128 9.48 -2.29 5.38
C PRO B 128 9.78 -1.24 4.33
N GLU B 129 11.06 -0.95 4.13
CA GLU B 129 11.48 -0.04 3.09
C GLU B 129 10.79 1.33 3.23
N ALA B 130 10.96 1.98 4.38
CA ALA B 130 10.32 3.28 4.61
C ALA B 130 11.13 4.45 4.08
N GLU B 131 11.24 4.55 2.77
CA GLU B 131 11.95 5.66 2.13
C GLU B 131 11.25 6.95 2.52
N MET B 132 12.01 7.92 3.02
CA MET B 132 11.45 9.17 3.50
C MET B 132 11.71 10.35 2.63
N GLY B 133 10.80 11.31 2.72
CA GLY B 133 10.92 12.50 1.91
C GLY B 133 11.62 13.65 2.60
N CYS B 134 12.14 14.56 1.80
CA CYS B 134 12.86 15.72 2.30
C CYS B 134 11.90 16.88 2.61
N SER B 135 12.32 17.72 3.58
CA SER B 135 11.59 18.89 4.08
C SER B 135 11.68 19.93 3.01
N THR B 136 12.88 20.03 2.48
CA THR B 136 13.15 20.92 1.40
C THR B 136 12.78 20.08 0.20
N VAL B 137 11.64 20.40 -0.41
CA VAL B 137 11.14 19.61 -1.51
C VAL B 137 12.05 19.28 -2.67
N ASP B 138 12.98 20.16 -3.02
CA ASP B 138 13.85 19.81 -4.12
C ASP B 138 15.26 19.55 -3.64
N GLY B 139 15.39 19.20 -2.36
CA GLY B 139 16.68 18.89 -1.77
C GLY B 139 16.73 17.41 -1.47
N THR B 140 17.74 16.92 -0.75
CA THR B 140 17.82 15.51 -0.44
C THR B 140 18.13 15.33 1.03
N VAL B 141 17.77 14.19 1.58
CA VAL B 141 18.05 13.94 2.98
C VAL B 141 19.49 13.60 3.25
N ASN B 142 19.73 13.50 4.55
CA ASN B 142 20.98 13.25 5.27
C ASN B 142 20.86 11.89 5.87
N GLU B 143 21.96 11.25 6.22
CA GLU B 143 21.75 9.99 6.93
C GLU B 143 21.28 10.41 8.34
N HIS B 144 21.77 11.56 8.78
CA HIS B 144 21.39 12.07 10.09
C HIS B 144 19.92 12.40 10.18
N GLY B 145 19.37 12.94 9.09
CA GLY B 145 17.95 13.26 9.15
C GLY B 145 17.12 12.00 9.18
N LEU B 146 17.75 10.87 8.82
CA LEU B 146 17.09 9.58 8.74
C LEU B 146 17.13 8.77 9.98
N SER B 147 18.29 8.76 10.64
CA SER B 147 18.41 7.94 11.82
C SER B 147 19.47 8.40 12.76
N GLU B 148 19.25 8.18 14.05
CA GLU B 148 20.31 8.53 14.96
C GLU B 148 20.73 7.32 15.78
N GLY B 149 20.62 6.14 15.19
CA GLY B 149 21.04 4.93 15.88
C GLY B 149 20.05 4.51 16.92
N GLU B 150 20.45 4.53 18.19
CA GLU B 150 19.47 4.21 19.24
C GLU B 150 18.80 5.57 19.31
N THR B 151 18.54 6.10 20.49
CA THR B 151 17.85 7.42 20.53
C THR B 151 16.51 7.36 19.76
N ALA B 152 16.39 8.06 18.61
CA ALA B 152 15.13 8.05 17.85
C ALA B 152 14.83 9.38 17.30
N LYS B 153 14.37 9.38 16.06
CA LYS B 153 14.03 10.62 15.45
C LYS B 153 12.63 10.92 15.95
N LYS B 154 12.26 12.19 15.94
CA LYS B 154 10.92 12.55 16.39
C LYS B 154 10.07 13.06 15.23
N PHE B 155 8.81 12.65 15.22
CA PHE B 155 7.94 13.17 14.19
C PHE B 155 7.61 14.58 14.69
N SER B 156 6.91 15.32 13.86
CA SER B 156 6.59 16.66 14.24
C SER B 156 5.12 16.94 14.02
N ALA B 157 4.59 17.90 14.76
CA ALA B 157 3.19 18.23 14.61
C ALA B 157 2.92 19.20 13.46
N THR B 158 3.97 19.85 12.95
CA THR B 158 3.84 20.79 11.84
C THR B 158 4.80 20.50 10.73
N GLY B 159 4.64 21.19 9.62
CA GLY B 159 5.58 20.97 8.53
C GLY B 159 6.96 21.41 8.97
N THR B 160 7.99 20.70 8.53
CA THR B 160 9.35 21.05 8.92
C THR B 160 10.06 21.63 7.74
N ASN B 161 11.15 22.34 8.04
CA ASN B 161 12.00 22.92 7.01
C ASN B 161 13.40 22.51 7.35
N GLY B 162 14.30 22.94 6.51
CA GLY B 162 15.66 22.59 6.77
C GLY B 162 16.02 21.64 5.69
N THR B 163 17.26 21.77 5.26
CA THR B 163 17.80 20.95 4.23
C THR B 163 18.25 19.69 4.95
N ASN B 164 18.15 18.55 4.28
CA ASN B 164 18.57 17.28 4.87
C ASN B 164 17.64 16.61 5.84
N THR B 165 16.77 17.36 6.52
CA THR B 165 15.89 16.69 7.48
C THR B 165 14.65 16.13 6.82
N VAL B 166 14.09 15.09 7.44
CA VAL B 166 12.90 14.47 6.88
C VAL B 166 11.68 15.36 7.12
N GLN B 167 10.83 15.47 6.11
CA GLN B 167 9.60 16.25 6.22
C GLN B 167 8.78 15.42 7.22
N SER B 168 8.90 15.74 8.49
CA SER B 168 8.25 14.92 9.48
C SER B 168 6.93 15.27 10.10
N ILE B 169 5.96 15.77 9.37
CA ILE B 169 4.69 16.09 10.01
C ILE B 169 3.97 14.72 10.15
N VAL B 170 3.69 14.25 11.37
CA VAL B 170 3.09 12.89 11.57
C VAL B 170 2.04 12.51 10.58
N THR B 171 1.20 13.47 10.37
CA THR B 171 0.12 13.30 9.49
C THR B 171 0.45 12.60 8.13
N ASN B 172 1.68 12.74 7.61
CA ASN B 172 2.06 12.08 6.36
C ASN B 172 3.20 11.07 6.54
N ALA B 173 3.49 10.74 7.79
CA ALA B 173 4.50 9.74 8.18
C ALA B 173 5.85 9.79 7.52
N GLY B 174 6.22 10.96 7.00
CA GLY B 174 7.50 11.14 6.31
C GLY B 174 7.59 10.40 4.99
N MET B 175 6.46 9.87 4.53
CA MET B 175 6.43 9.10 3.30
C MET B 175 5.43 9.60 2.28
N GLY B 176 4.65 10.63 2.63
CA GLY B 176 3.69 11.14 1.67
C GLY B 176 2.38 10.36 1.54
N VAL B 177 1.96 9.71 2.62
CA VAL B 177 0.73 8.94 2.63
C VAL B 177 -0.11 9.38 3.82
N GLY B 178 -1.25 8.72 3.99
CA GLY B 178 -2.13 9.03 5.11
C GLY B 178 -1.69 8.17 6.29
N VAL B 179 -1.24 8.83 7.36
CA VAL B 179 -0.75 8.09 8.51
C VAL B 179 -1.76 7.05 8.96
N GLY B 180 -3.05 7.38 8.88
CA GLY B 180 -4.06 6.45 9.31
C GLY B 180 -4.21 5.21 8.45
N ASN B 181 -3.38 5.08 7.43
CA ASN B 181 -3.42 3.91 6.57
C ASN B 181 -2.17 3.02 6.83
N LEU B 182 -1.36 3.38 7.82
CA LEU B 182 -0.15 2.61 8.09
C LEU B 182 -0.48 1.24 8.58
N THR B 183 -1.76 0.94 8.76
CA THR B 183 -2.13 -0.37 9.23
C THR B 183 -1.94 -1.53 8.23
N ILE B 184 -1.67 -1.30 6.91
CA ILE B 184 -1.43 -2.47 6.01
C ILE B 184 -0.07 -3.04 6.38
N PHE B 185 0.64 -2.40 7.31
CA PHE B 185 1.95 -2.92 7.70
C PHE B 185 1.79 -3.66 9.01
N PRO B 186 2.66 -4.63 9.31
CA PRO B 186 2.56 -5.36 10.56
C PRO B 186 2.51 -4.37 11.74
N HIS B 187 1.57 -4.56 12.66
CA HIS B 187 1.51 -3.62 13.78
C HIS B 187 0.58 -4.06 14.92
N GLN B 188 0.67 -3.37 16.04
CA GLN B 188 -0.26 -3.59 17.15
C GLN B 188 -0.54 -2.20 17.71
N TRP B 189 -1.54 -2.08 18.55
CA TRP B 189 -1.82 -0.80 19.17
C TRP B 189 -1.55 -0.95 20.68
N ILE B 190 -1.11 0.10 21.35
CA ILE B 190 -1.00 0.00 22.79
C ILE B 190 -2.07 0.98 23.31
N ASN B 191 -3.22 0.43 23.72
CA ASN B 191 -4.33 1.25 24.26
C ASN B 191 -4.15 1.06 25.76
N LEU B 192 -3.74 2.12 26.43
CA LEU B 192 -3.45 2.04 27.84
C LEU B 192 -4.53 1.38 28.67
N ARG B 193 -5.80 1.57 28.32
CA ARG B 193 -6.85 0.96 29.12
C ARG B 193 -6.82 -0.54 29.00
N THR B 194 -6.21 -1.12 27.97
CA THR B 194 -6.31 -2.59 27.92
C THR B 194 -5.01 -3.34 27.80
N ASN B 195 -3.97 -2.60 27.48
CA ASN B 195 -2.78 -3.25 27.06
C ASN B 195 -1.50 -2.51 27.48
N ASN B 196 -0.41 -3.21 27.77
CA ASN B 196 0.80 -2.50 28.20
C ASN B 196 2.08 -2.78 27.42
N CYS B 197 1.94 -3.41 26.26
CA CYS B 197 3.10 -3.72 25.44
C CYS B 197 2.65 -4.17 24.07
N ALA B 198 3.57 -4.19 23.11
CA ALA B 198 3.26 -4.64 21.78
C ALA B 198 4.39 -5.54 21.33
N THR B 199 4.07 -6.66 20.68
CA THR B 199 5.10 -7.59 20.21
C THR B 199 4.89 -7.96 18.75
N ILE B 200 5.90 -7.69 17.95
CA ILE B 200 5.87 -7.98 16.53
C ILE B 200 7.12 -8.72 16.18
N VAL B 201 6.94 -9.83 15.45
CA VAL B 201 8.06 -10.64 14.98
C VAL B 201 8.11 -10.36 13.48
N MET B 202 9.21 -9.77 13.01
CA MET B 202 9.37 -9.46 11.59
C MET B 202 10.35 -10.42 10.92
N PRO B 203 9.98 -10.95 9.75
CA PRO B 203 10.88 -11.84 9.06
C PRO B 203 11.74 -10.94 8.15
N TYR B 204 12.83 -11.48 7.61
CA TYR B 204 13.67 -10.68 6.72
C TYR B 204 12.84 -10.37 5.48
N ILE B 205 12.75 -9.11 5.06
CA ILE B 205 11.96 -8.78 3.85
C ILE B 205 12.83 -7.88 2.98
N ASN B 206 13.04 -8.26 1.72
CA ASN B 206 13.91 -7.51 0.80
C ASN B 206 13.76 -8.17 -0.58
N ASN B 207 14.33 -7.59 -1.64
CA ASN B 207 14.21 -8.18 -2.98
C ASN B 207 15.46 -8.96 -3.38
N VAL B 208 16.32 -9.21 -2.39
CA VAL B 208 17.56 -9.96 -2.58
C VAL B 208 17.70 -10.79 -1.31
N PRO B 209 18.35 -11.94 -1.41
CA PRO B 209 18.52 -12.82 -0.25
C PRO B 209 19.29 -12.31 0.95
N MET B 210 20.25 -11.42 0.72
CA MET B 210 21.04 -10.87 1.81
C MET B 210 21.35 -9.44 1.41
N ASP B 211 21.91 -8.65 2.33
CA ASP B 211 22.22 -7.28 1.99
C ASP B 211 23.19 -6.71 2.99
N ASN B 212 23.70 -5.52 2.68
CA ASN B 212 24.65 -4.86 3.55
C ASN B 212 23.87 -4.14 4.64
N MET B 213 24.29 -4.26 5.89
CA MET B 213 23.49 -3.69 6.96
C MET B 213 23.70 -2.24 7.32
N PHE B 214 24.66 -1.60 6.68
CA PHE B 214 24.88 -0.19 6.96
C PHE B 214 24.23 0.67 5.89
N ARG B 215 24.29 0.19 4.67
CA ARG B 215 23.82 0.90 3.50
C ARG B 215 22.31 0.85 3.29
N HIS B 216 21.61 -0.10 3.90
CA HIS B 216 20.18 -0.27 3.61
C HIS B 216 19.33 -0.47 4.87
N HIS B 217 18.37 0.42 5.12
CA HIS B 217 17.50 0.28 6.30
C HIS B 217 16.34 -0.62 5.96
N ASN B 218 16.47 -1.89 6.29
CA ASN B 218 15.44 -2.83 5.94
C ASN B 218 14.06 -2.42 6.34
N PHE B 219 13.91 -1.79 7.50
CA PHE B 219 12.56 -1.35 7.85
C PHE B 219 12.57 -0.32 8.97
N THR B 220 11.51 0.45 9.10
CA THR B 220 11.45 1.44 10.15
C THR B 220 10.37 1.15 11.20
N LEU B 221 10.71 1.34 12.47
CA LEU B 221 9.75 1.12 13.55
C LEU B 221 9.19 2.51 13.86
N MET B 222 7.87 2.67 13.82
CA MET B 222 7.26 3.96 14.15
C MET B 222 6.29 3.81 15.35
N ILE B 223 6.38 4.70 16.33
CA ILE B 223 5.45 4.68 17.47
C ILE B 223 4.77 6.06 17.41
N ILE B 224 3.50 6.06 17.05
CA ILE B 224 2.75 7.30 16.85
C ILE B 224 1.53 7.38 17.74
N PRO B 225 1.49 8.34 18.67
CA PRO B 225 0.26 8.33 19.45
C PRO B 225 -0.92 8.87 18.65
N PHE B 226 -2.01 8.10 18.58
CA PHE B 226 -3.22 8.54 17.87
C PHE B 226 -4.21 9.21 18.86
N VAL B 227 -4.27 8.72 20.10
CA VAL B 227 -5.10 9.35 21.14
C VAL B 227 -4.03 9.70 22.15
N PRO B 228 -3.89 10.98 22.48
CA PRO B 228 -2.87 11.45 23.42
C PRO B 228 -2.97 11.10 24.86
N LEU B 229 -1.81 11.07 25.49
CA LEU B 229 -1.67 10.75 26.90
C LEU B 229 -2.47 11.75 27.72
N ASN B 230 -3.15 11.26 28.74
CA ASN B 230 -3.89 12.14 29.61
C ASN B 230 -4.12 11.53 30.97
N TYR B 231 -4.33 12.39 31.98
CA TYR B 231 -4.51 11.94 33.36
C TYR B 231 -4.94 13.14 34.24
N SER B 232 -5.12 12.95 35.57
CA SER B 232 -5.50 14.03 36.49
C SER B 232 -4.54 14.41 37.66
N SER B 233 -4.95 14.39 38.91
CA SER B 233 -3.95 14.70 39.95
C SER B 233 -2.97 13.49 40.14
N ASP B 234 -3.12 12.51 39.22
CA ASP B 234 -2.42 11.20 39.07
C ASP B 234 -0.97 11.30 39.12
N PHE B 235 -0.52 11.71 40.31
CA PHE B 235 0.91 11.90 40.64
C PHE B 235 1.92 11.02 39.83
N SER B 236 1.59 10.86 38.53
CA SER B 236 2.36 10.09 37.60
C SER B 236 2.11 10.76 36.31
N THR B 237 3.06 11.61 35.96
CA THR B 237 3.07 12.38 34.73
C THR B 237 4.17 11.80 33.85
N TYR B 238 5.02 11.02 34.48
CA TYR B 238 6.13 10.40 33.77
C TYR B 238 5.71 9.07 33.16
N VAL B 239 5.50 9.01 31.87
CA VAL B 239 5.11 7.74 31.29
C VAL B 239 6.06 7.44 30.15
N PRO B 240 7.10 6.64 30.41
CA PRO B 240 8.12 6.27 29.41
C PRO B 240 7.68 5.13 28.48
N ILE B 241 8.34 5.03 27.33
CA ILE B 241 8.08 3.99 26.36
C ILE B 241 9.47 3.41 26.13
N THR B 242 9.57 2.08 26.09
CA THR B 242 10.86 1.43 25.92
C THR B 242 10.79 0.38 24.84
N VAL B 243 11.78 0.38 23.95
CA VAL B 243 11.88 -0.55 22.84
C VAL B 243 12.99 -1.58 23.07
N THR B 244 12.63 -2.85 23.01
CA THR B 244 13.61 -3.92 23.17
C THR B 244 13.49 -4.77 21.93
N VAL B 245 14.60 -5.08 21.28
CA VAL B 245 14.49 -5.90 20.10
C VAL B 245 15.54 -7.00 20.08
N ALA B 246 15.18 -8.12 19.47
CA ALA B 246 16.08 -9.25 19.41
C ALA B 246 16.24 -9.83 18.01
N PRO B 247 17.45 -9.75 17.45
CA PRO B 247 17.73 -10.29 16.12
C PRO B 247 17.43 -11.79 16.19
N MET B 248 16.94 -12.33 15.09
CA MET B 248 16.63 -13.74 15.02
C MET B 248 17.23 -14.35 13.76
N CYS B 249 17.95 -15.46 13.92
CA CYS B 249 18.54 -16.14 12.77
C CYS B 249 19.53 -15.26 12.05
N ALA B 250 20.37 -14.57 12.79
CA ALA B 250 21.32 -13.70 12.13
C ALA B 250 22.37 -14.53 11.42
N GLU B 251 22.64 -14.23 10.16
CA GLU B 251 23.74 -14.92 9.50
C GLU B 251 24.50 -13.90 8.68
N TYR B 252 25.82 -14.08 8.63
CA TYR B 252 26.70 -13.14 7.95
C TYR B 252 27.62 -13.78 6.93
N ASN B 253 27.90 -13.04 5.85
CA ASN B 253 28.79 -13.50 4.77
C ASN B 253 29.79 -12.40 4.34
N GLY B 254 30.87 -12.82 3.68
CA GLY B 254 31.87 -11.86 3.20
C GLY B 254 32.65 -11.17 4.30
N LEU B 255 33.43 -11.95 5.02
CA LEU B 255 34.23 -11.43 6.11
C LEU B 255 35.50 -10.72 5.64
N ARG B 256 35.84 -9.61 6.26
CA ARG B 256 37.07 -8.87 5.94
C ARG B 256 37.34 -7.87 7.05
N LEU B 257 38.21 -6.89 6.83
CA LEU B 257 38.48 -5.96 7.91
C LEU B 257 37.24 -5.15 8.24
N SER B 258 37.21 -4.59 9.43
CA SER B 258 36.06 -3.83 9.91
C SER B 258 35.77 -2.51 9.19
N THR B 259 34.50 -2.15 9.04
CA THR B 259 34.11 -0.93 8.37
C THR B 259 34.42 0.33 9.15
N ALA B 260 34.76 1.35 8.37
CA ALA B 260 35.12 2.69 8.85
C ALA B 260 33.95 3.52 9.39
N LEU B 261 33.92 3.68 10.71
CA LEU B 261 32.89 4.47 11.44
C LEU B 261 32.63 5.90 10.92
N GLN B 262 31.90 6.64 11.63
N GLY C 1 0.03 -18.93 -50.89
CA GLY C 1 -0.72 -17.86 -50.07
C GLY C 1 -2.12 -18.25 -49.57
N LEU C 2 -2.33 -18.26 -48.25
CA LEU C 2 -3.64 -18.62 -47.69
C LEU C 2 -4.55 -17.40 -47.69
N PRO C 3 -5.78 -17.51 -48.26
CA PRO C 3 -6.72 -16.39 -48.32
C PRO C 3 -7.18 -15.88 -46.98
N VAL C 4 -7.15 -14.56 -46.88
CA VAL C 4 -7.43 -13.83 -45.65
C VAL C 4 -8.24 -12.51 -45.87
N ILE C 5 -9.04 -12.06 -44.87
CA ILE C 5 -9.83 -10.77 -44.90
C ILE C 5 -9.52 -10.06 -43.58
N ASN C 6 -9.13 -8.80 -43.65
CA ASN C 6 -8.85 -8.08 -42.40
C ASN C 6 -10.14 -7.53 -41.88
N THR C 7 -10.39 -7.69 -40.59
CA THR C 7 -11.64 -7.20 -40.01
C THR C 7 -11.44 -5.84 -39.36
N PRO C 8 -12.55 -5.10 -39.13
CA PRO C 8 -12.42 -3.80 -38.47
C PRO C 8 -11.56 -4.09 -37.21
N GLY C 9 -10.75 -3.13 -36.79
CA GLY C 9 -9.92 -3.36 -35.62
C GLY C 9 -8.47 -3.61 -35.97
N SER C 10 -8.24 -4.12 -37.18
CA SER C 10 -6.89 -4.40 -37.62
C SER C 10 -6.03 -3.17 -37.50
N ASN C 11 -4.83 -3.36 -36.95
CA ASN C 11 -3.89 -2.29 -36.74
C ASN C 11 -4.17 -1.27 -35.66
N GLN C 12 -5.15 -1.50 -34.81
CA GLN C 12 -5.40 -0.52 -33.77
C GLN C 12 -4.61 -0.91 -32.54
N PHE C 13 -4.48 0.04 -31.63
CA PHE C 13 -3.77 -0.19 -30.40
C PHE C 13 -4.78 0.07 -29.28
N LEU C 14 -5.28 -1.02 -28.71
CA LEU C 14 -6.22 -0.96 -27.61
C LEU C 14 -5.45 -1.21 -26.31
N THR C 15 -5.45 -0.20 -25.46
CA THR C 15 -4.78 -0.19 -24.15
C THR C 15 -4.91 -1.47 -23.35
N SER C 16 -6.11 -2.07 -23.44
CA SER C 16 -6.44 -3.26 -22.70
C SER C 16 -6.51 -4.53 -23.56
N ASP C 17 -5.75 -4.53 -24.66
CA ASP C 17 -5.73 -5.72 -25.49
C ASP C 17 -4.94 -6.80 -24.76
N ASP C 18 -4.80 -7.96 -25.36
CA ASP C 18 -4.11 -9.03 -24.68
C ASP C 18 -3.64 -10.05 -25.71
N PHE C 19 -2.52 -9.72 -26.38
CA PHE C 19 -1.94 -10.58 -27.41
C PHE C 19 -0.48 -11.01 -27.14
N GLN C 20 -0.05 -12.01 -27.90
CA GLN C 20 1.33 -12.44 -27.79
C GLN C 20 2.13 -11.37 -28.55
N SER C 21 3.44 -11.27 -28.29
CA SER C 21 4.35 -10.30 -28.97
C SER C 21 5.78 -10.88 -28.93
N PRO C 22 6.57 -10.63 -29.97
CA PRO C 22 7.95 -11.12 -30.04
C PRO C 22 8.76 -10.53 -28.91
N SER C 23 9.68 -11.32 -28.39
CA SER C 23 10.53 -10.80 -27.33
C SER C 23 11.73 -10.15 -27.97
N ALA C 24 12.14 -9.02 -27.42
CA ALA C 24 13.31 -8.36 -27.97
C ALA C 24 14.60 -8.95 -27.37
N MET C 25 14.47 -9.92 -26.47
CA MET C 25 15.62 -10.51 -25.84
C MET C 25 15.48 -12.02 -25.81
N PRO C 26 15.63 -12.66 -26.97
CA PRO C 26 15.51 -14.09 -27.12
C PRO C 26 16.40 -14.89 -26.14
N GLN C 27 15.77 -15.80 -25.41
CA GLN C 27 16.46 -16.67 -24.45
C GLN C 27 17.08 -16.02 -23.22
N PHE C 28 16.65 -14.82 -22.87
CA PHE C 28 17.18 -14.15 -21.67
C PHE C 28 16.90 -15.02 -20.45
N ASP C 29 17.94 -15.25 -19.65
CA ASP C 29 17.80 -16.07 -18.45
C ASP C 29 17.45 -15.17 -17.26
N VAL C 30 16.18 -15.15 -16.94
CA VAL C 30 15.64 -14.30 -15.87
C VAL C 30 16.23 -14.67 -14.48
N THR C 31 16.42 -13.73 -13.56
CA THR C 31 16.98 -14.17 -12.26
C THR C 31 15.94 -14.97 -11.45
N PRO C 32 16.36 -16.07 -10.76
CA PRO C 32 15.49 -16.95 -9.96
C PRO C 32 14.56 -16.24 -9.04
N GLU C 33 13.38 -16.81 -8.89
CA GLU C 33 12.38 -16.21 -8.04
C GLU C 33 12.79 -16.48 -6.61
N LEU C 34 12.43 -15.53 -5.76
CA LEU C 34 12.75 -15.59 -4.34
C LEU C 34 11.46 -15.46 -3.58
N ASN C 35 11.29 -16.30 -2.58
CA ASN C 35 10.07 -16.27 -1.80
C ASN C 35 9.95 -15.17 -0.75
N ILE C 36 9.52 -13.98 -1.19
CA ILE C 36 9.37 -12.84 -0.29
C ILE C 36 8.09 -12.89 0.53
N PRO C 37 8.16 -12.55 1.82
CA PRO C 37 6.92 -12.59 2.58
C PRO C 37 5.96 -11.50 2.11
N GLY C 38 4.66 -11.68 2.39
CA GLY C 38 3.70 -10.67 2.04
C GLY C 38 3.27 -10.56 0.60
N GLU C 39 3.02 -11.67 -0.04
CA GLU C 39 2.61 -11.55 -1.42
C GLU C 39 1.15 -11.14 -1.57
N VAL C 40 0.90 -10.11 -2.36
CA VAL C 40 -0.47 -9.64 -2.58
C VAL C 40 -0.99 -10.29 -3.85
N GLN C 41 -2.29 -10.64 -3.90
CA GLN C 41 -2.87 -11.24 -5.12
C GLN C 41 -4.13 -10.58 -5.67
N ASN C 42 -4.88 -9.90 -4.83
CA ASN C 42 -6.07 -9.25 -5.30
C ASN C 42 -6.20 -7.97 -4.46
N LEU C 43 -6.44 -6.84 -5.10
CA LEU C 43 -6.56 -5.61 -4.34
C LEU C 43 -7.56 -5.71 -3.16
N MET C 44 -8.50 -6.65 -3.27
CA MET C 44 -9.45 -6.81 -2.17
C MET C 44 -8.75 -7.27 -0.89
N GLU C 45 -7.59 -7.93 -1.01
CA GLU C 45 -6.88 -8.34 0.19
C GLU C 45 -6.56 -7.06 0.98
N ILE C 46 -6.22 -5.98 0.28
CA ILE C 46 -5.92 -4.71 0.94
C ILE C 46 -7.19 -4.06 1.52
N ALA C 47 -8.27 -4.07 0.75
CA ALA C 47 -9.52 -3.47 1.23
C ALA C 47 -10.13 -4.20 2.43
N GLU C 48 -9.70 -5.43 2.65
CA GLU C 48 -10.22 -6.20 3.76
C GLU C 48 -9.50 -5.87 5.06
N VAL C 49 -8.45 -5.04 4.97
CA VAL C 49 -7.67 -4.64 6.14
C VAL C 49 -8.19 -3.33 6.75
N ASP C 50 -8.32 -3.30 8.07
CA ASP C 50 -8.79 -2.10 8.74
C ASP C 50 -7.85 -0.94 8.52
N SER C 51 -8.38 0.26 8.36
CA SER C 51 -7.54 1.47 8.28
C SER C 51 -8.35 2.54 9.06
N VAL C 52 -7.68 3.53 9.65
CA VAL C 52 -8.38 4.53 10.46
C VAL C 52 -9.16 5.59 9.69
N VAL C 53 -10.45 5.71 10.01
CA VAL C 53 -11.34 6.67 9.35
C VAL C 53 -11.24 8.09 9.92
N PRO C 54 -11.03 9.10 9.06
CA PRO C 54 -10.94 10.47 9.57
C PRO C 54 -12.36 11.08 9.76
N VAL C 55 -13.09 10.54 10.73
CA VAL C 55 -14.46 10.96 11.03
C VAL C 55 -14.61 12.43 11.39
N ASN C 56 -13.62 12.97 12.08
CA ASN C 56 -13.67 14.35 12.54
C ASN C 56 -12.98 15.27 11.54
N ASN C 57 -13.32 15.10 10.26
CA ASN C 57 -12.72 15.87 9.16
C ASN C 57 -13.35 17.24 9.05
N VAL C 58 -13.20 17.97 10.13
CA VAL C 58 -13.73 19.31 10.25
C VAL C 58 -12.65 20.33 9.91
N ALA C 59 -13.08 21.49 9.42
CA ALA C 59 -12.11 22.52 9.06
C ALA C 59 -11.15 22.78 10.24
N GLY C 60 -9.85 22.71 9.99
CA GLY C 60 -8.91 22.95 11.06
C GLY C 60 -8.26 21.69 11.59
N ASN C 61 -8.81 20.54 11.23
CA ASN C 61 -8.24 19.28 11.66
C ASN C 61 -7.62 18.60 10.47
N LEU C 62 -7.78 19.18 9.28
CA LEU C 62 -7.28 18.49 8.10
C LEU C 62 -5.82 18.07 8.12
N GLU C 63 -5.00 18.64 9.00
CA GLU C 63 -3.59 18.20 9.07
C GLU C 63 -3.09 17.95 10.46
N THR C 64 -3.96 17.40 11.29
CA THR C 64 -3.59 17.14 12.66
C THR C 64 -4.22 15.82 13.04
N MET C 65 -3.63 15.12 14.01
CA MET C 65 -4.16 13.82 14.41
C MET C 65 -5.59 13.82 14.96
N ASP C 66 -6.19 14.99 15.16
CA ASP C 66 -7.58 15.07 15.63
C ASP C 66 -8.65 14.52 14.71
N ILE C 67 -8.47 14.74 13.42
CA ILE C 67 -9.40 14.30 12.38
C ILE C 67 -9.72 12.83 12.66
N TYR C 68 -8.84 12.10 13.36
CA TYR C 68 -9.09 10.69 13.64
C TYR C 68 -9.77 10.42 14.97
N ARG C 69 -9.96 11.45 15.80
CA ARG C 69 -10.59 11.30 17.12
C ARG C 69 -12.05 11.73 17.28
N ILE C 70 -12.91 10.81 17.69
CA ILE C 70 -14.31 11.15 17.94
C ILE C 70 -14.41 11.43 19.45
N PRO C 71 -14.69 12.68 19.83
CA PRO C 71 -14.85 13.26 21.17
C PRO C 71 -16.09 12.76 21.85
N VAL C 72 -15.94 12.30 23.07
CA VAL C 72 -17.09 11.78 23.78
C VAL C 72 -16.85 12.17 25.24
N GLN C 73 -17.90 12.39 26.04
CA GLN C 73 -17.65 12.77 27.42
C GLN C 73 -18.66 12.47 28.53
N SER C 74 -18.17 12.63 29.76
CA SER C 74 -18.89 12.40 31.00
C SER C 74 -19.97 13.45 31.08
N GLY C 75 -20.98 13.25 31.93
CA GLY C 75 -22.05 14.25 32.10
C GLY C 75 -23.25 14.03 31.21
N ASN C 76 -24.30 14.85 31.34
CA ASN C 76 -25.50 14.66 30.52
C ASN C 76 -25.44 15.28 29.11
N HIS C 77 -25.30 14.43 28.09
CA HIS C 77 -25.27 14.89 26.70
C HIS C 77 -26.10 14.04 25.79
N GLN C 78 -27.06 13.30 26.33
CA GLN C 78 -27.89 12.41 25.53
C GLN C 78 -28.50 12.95 24.20
N SER C 79 -29.08 14.15 24.28
CA SER C 79 -29.72 14.86 23.15
C SER C 79 -28.71 15.16 22.04
N SER C 80 -27.47 15.31 22.49
CA SER C 80 -26.33 15.60 21.67
C SER C 80 -25.95 14.26 20.95
N GLN C 81 -25.95 14.27 19.62
CA GLN C 81 -25.58 13.08 18.82
C GLN C 81 -24.05 13.02 18.82
N VAL C 82 -23.44 11.84 18.93
CA VAL C 82 -21.98 11.79 18.95
C VAL C 82 -21.31 12.04 17.59
N PHE C 83 -21.85 11.48 16.52
CA PHE C 83 -21.33 11.72 15.16
C PHE C 83 -22.31 11.09 14.16
N GLY C 84 -22.06 11.30 12.88
CA GLY C 84 -22.90 10.73 11.85
C GLY C 84 -22.19 10.98 10.53
N PHE C 85 -22.43 10.14 9.54
CA PHE C 85 -21.80 10.35 8.24
C PHE C 85 -22.50 9.50 7.23
N GLN C 86 -22.39 9.89 5.97
CA GLN C 86 -23.02 9.17 4.87
C GLN C 86 -22.25 7.91 4.54
N VAL C 87 -22.92 6.92 4.01
CA VAL C 87 -22.22 5.72 3.63
C VAL C 87 -21.87 5.77 2.13
N GLN C 88 -20.84 6.53 1.76
CA GLN C 88 -20.38 6.61 0.35
C GLN C 88 -18.91 6.33 0.42
N PRO C 89 -18.57 5.06 0.55
CA PRO C 89 -17.18 4.62 0.66
C PRO C 89 -16.19 5.18 -0.33
N GLY C 90 -16.59 5.45 -1.57
CA GLY C 90 -15.56 5.92 -2.46
C GLY C 90 -15.59 7.41 -2.69
N LEU C 91 -16.65 8.04 -2.18
CA LEU C 91 -16.86 9.46 -2.42
C LEU C 91 -16.79 10.50 -1.29
N ASP C 92 -17.42 10.24 -0.16
CA ASP C 92 -17.39 11.23 0.93
C ASP C 92 -16.02 11.33 1.61
N GLY C 93 -15.64 12.56 1.96
CA GLY C 93 -14.35 12.79 2.59
C GLY C 93 -14.01 11.83 3.72
N VAL C 94 -15.01 11.43 4.48
CA VAL C 94 -14.79 10.53 5.59
C VAL C 94 -14.14 9.20 5.15
N PHE C 95 -14.47 8.75 3.95
CA PHE C 95 -13.97 7.47 3.47
C PHE C 95 -13.01 7.46 2.30
N LYS C 96 -13.18 8.38 1.35
CA LYS C 96 -12.35 8.32 0.16
C LYS C 96 -10.85 8.09 0.28
N HIS C 97 -10.18 8.59 1.32
CA HIS C 97 -8.73 8.36 1.40
C HIS C 97 -8.27 7.27 2.33
N THR C 98 -9.26 6.47 2.68
CA THR C 98 -9.13 5.32 3.51
C THR C 98 -8.48 4.20 2.66
N LEU C 99 -8.00 3.13 3.28
CA LEU C 99 -7.46 2.03 2.47
C LEU C 99 -8.60 1.55 1.52
N LEU C 100 -9.79 1.25 2.08
CA LEU C 100 -10.93 0.83 1.25
C LEU C 100 -11.29 1.87 0.19
N GLY C 101 -11.23 3.14 0.57
CA GLY C 101 -11.60 4.21 -0.34
C GLY C 101 -10.64 4.38 -1.51
N GLU C 102 -9.33 4.38 -1.21
CA GLU C 102 -8.35 4.57 -2.27
C GLU C 102 -8.52 3.47 -3.29
N ILE C 103 -8.79 2.27 -2.82
CA ILE C 103 -8.96 1.16 -3.74
C ILE C 103 -10.23 1.35 -4.56
N LEU C 104 -11.34 1.68 -3.91
CA LEU C 104 -12.58 1.87 -4.65
C LEU C 104 -12.40 2.91 -5.77
N ASN C 105 -11.56 3.91 -5.54
CA ASN C 105 -11.40 4.93 -6.57
C ASN C 105 -10.72 4.53 -7.89
N TYR C 106 -10.26 3.28 -7.99
CA TYR C 106 -9.64 2.81 -9.22
C TYR C 106 -10.72 2.02 -9.99
N TYR C 107 -11.94 2.00 -9.44
CA TYR C 107 -13.07 1.28 -10.05
C TYR C 107 -14.31 2.16 -10.11
N ALA C 108 -15.31 1.75 -10.89
CA ALA C 108 -16.54 2.53 -11.01
C ALA C 108 -17.75 1.89 -10.32
N HIS C 109 -17.62 0.62 -9.94
CA HIS C 109 -18.73 -0.08 -9.28
C HIS C 109 -18.27 -0.81 -8.03
N TRP C 110 -19.12 -0.86 -7.01
CA TRP C 110 -18.81 -1.63 -5.80
C TRP C 110 -20.07 -2.28 -5.25
N SER C 111 -19.85 -3.31 -4.44
CA SER C 111 -20.94 -4.07 -3.81
C SER C 111 -20.40 -4.84 -2.60
N GLY C 112 -21.18 -4.92 -1.53
CA GLY C 112 -20.71 -5.66 -0.37
C GLY C 112 -20.99 -5.01 0.96
N SER C 113 -20.75 -5.80 2.01
CA SER C 113 -20.97 -5.31 3.35
C SER C 113 -19.69 -4.70 3.85
N ILE C 114 -19.86 -3.76 4.76
CA ILE C 114 -18.76 -3.02 5.32
C ILE C 114 -18.73 -3.15 6.81
N LYS C 115 -17.51 -3.23 7.35
CA LYS C 115 -17.29 -3.31 8.78
C LYS C 115 -16.73 -2.02 9.29
N LEU C 116 -17.37 -1.51 10.34
CA LEU C 116 -16.95 -0.32 11.03
C LEU C 116 -16.58 -0.77 12.46
N THR C 117 -15.30 -0.74 12.82
CA THR C 117 -14.90 -1.14 14.17
C THR C 117 -14.67 0.13 15.01
N PHE C 118 -15.27 0.21 16.20
CA PHE C 118 -15.09 1.37 17.04
C PHE C 118 -14.32 0.94 18.27
N VAL C 119 -13.28 1.69 18.59
CA VAL C 119 -12.45 1.37 19.74
C VAL C 119 -12.46 2.54 20.73
N PHE C 120 -12.71 2.21 22.00
CA PHE C 120 -12.77 3.20 23.08
C PHE C 120 -11.37 3.43 23.66
N CYS C 121 -10.94 4.69 23.77
CA CYS C 121 -9.60 4.95 24.29
C CYS C 121 -9.54 5.79 25.57
N GLY C 122 -10.57 5.65 26.38
CA GLY C 122 -10.58 6.36 27.63
C GLY C 122 -9.82 5.52 28.64
N SER C 123 -9.82 5.93 29.90
CA SER C 123 -9.15 5.18 30.94
C SER C 123 -9.91 3.89 31.17
N ALA C 124 -9.26 2.95 31.84
CA ALA C 124 -9.93 1.69 32.13
C ALA C 124 -11.06 1.91 33.15
N MET C 125 -10.98 2.94 33.98
CA MET C 125 -12.04 3.15 34.95
C MET C 125 -13.28 3.81 34.33
N ALA C 126 -13.19 4.23 33.07
CA ALA C 126 -14.32 4.86 32.39
C ALA C 126 -15.34 3.80 31.99
N THR C 127 -16.58 4.25 31.87
CA THR C 127 -17.69 3.36 31.59
C THR C 127 -18.72 3.97 30.66
N GLY C 128 -19.51 3.13 30.01
CA GLY C 128 -20.55 3.68 29.15
C GLY C 128 -21.14 2.81 28.07
N LYS C 129 -22.34 3.16 27.59
CA LYS C 129 -22.97 2.40 26.51
C LYS C 129 -23.37 3.37 25.39
N PHE C 130 -23.09 3.00 24.14
CA PHE C 130 -23.45 3.81 22.97
C PHE C 130 -24.39 3.05 22.04
N LEU C 131 -25.12 3.77 21.20
CA LEU C 131 -25.99 3.12 20.25
C LEU C 131 -25.43 3.49 18.89
N LEU C 132 -25.04 2.47 18.12
CA LEU C 132 -24.49 2.66 16.78
C LEU C 132 -25.57 2.22 15.80
N ALA C 133 -26.06 3.16 14.99
CA ALA C 133 -27.14 2.85 14.04
C ALA C 133 -26.86 3.12 12.59
N TYR C 134 -27.39 2.25 11.74
CA TYR C 134 -27.26 2.40 10.32
C TYR C 134 -28.69 2.45 9.78
N ALA C 135 -28.97 3.47 8.98
CA ALA C 135 -30.27 3.66 8.38
C ALA C 135 -30.20 3.49 6.87
N PRO C 136 -30.94 2.52 6.30
CA PRO C 136 -30.88 2.41 4.83
C PRO C 136 -31.54 3.67 4.26
N PRO C 137 -31.25 4.04 3.00
CA PRO C 137 -31.82 5.23 2.36
C PRO C 137 -33.33 5.36 2.33
N GLY C 138 -33.82 6.53 1.93
CA GLY C 138 -35.25 6.75 1.84
C GLY C 138 -35.83 7.78 2.78
N ALA C 139 -35.08 8.16 3.79
CA ALA C 139 -35.55 9.15 4.75
C ALA C 139 -34.35 9.99 5.10
N ASN C 140 -34.55 11.08 5.80
CA ASN C 140 -33.39 11.87 6.16
C ASN C 140 -32.79 11.26 7.38
N ALA C 141 -31.56 11.65 7.67
CA ALA C 141 -30.82 11.14 8.81
C ALA C 141 -31.59 11.24 10.11
N PRO C 142 -31.59 10.16 10.92
CA PRO C 142 -32.33 10.24 12.18
C PRO C 142 -31.88 11.49 12.91
N LYS C 143 -32.82 12.21 13.51
CA LYS C 143 -32.47 13.41 14.26
C LYS C 143 -32.51 13.20 15.79
N SER C 144 -32.78 11.98 16.24
CA SER C 144 -32.84 11.67 17.67
C SER C 144 -32.53 10.20 17.88
N ARG C 145 -32.21 9.83 19.11
CA ARG C 145 -31.94 8.42 19.32
C ARG C 145 -33.20 7.60 19.01
N LYS C 146 -34.39 8.14 19.31
CA LYS C 146 -35.65 7.44 19.06
C LYS C 146 -35.70 7.00 17.60
N ASP C 147 -35.46 7.94 16.71
CA ASP C 147 -35.50 7.63 15.28
C ASP C 147 -34.40 6.71 14.80
N ALA C 148 -33.25 6.82 15.43
CA ALA C 148 -32.14 6.02 14.99
C ALA C 148 -32.29 4.59 15.38
N MET C 149 -32.85 4.32 16.55
CA MET C 149 -32.95 2.94 16.95
C MET C 149 -33.97 2.13 16.17
N LEU C 150 -34.70 2.78 15.26
CA LEU C 150 -35.67 2.04 14.46
C LEU C 150 -35.01 1.33 13.30
N GLY C 151 -33.73 1.64 13.07
CA GLY C 151 -32.97 1.00 12.00
C GLY C 151 -31.99 -0.06 12.54
N THR C 152 -31.03 -0.49 11.70
CA THR C 152 -30.06 -1.50 12.09
C THR C 152 -29.14 -0.90 13.12
N HIS C 153 -28.88 -1.59 14.24
CA HIS C 153 -28.01 -1.05 15.27
C HIS C 153 -27.48 -2.04 16.31
N ILE C 154 -26.38 -1.70 16.99
CA ILE C 154 -25.83 -2.51 18.09
C ILE C 154 -25.75 -1.51 19.25
N ILE C 155 -25.82 -2.06 20.44
CA ILE C 155 -25.69 -1.25 21.63
C ILE C 155 -24.38 -1.79 22.12
N TRP C 156 -23.43 -0.89 22.22
CA TRP C 156 -22.06 -1.19 22.61
C TRP C 156 -21.79 -0.90 24.07
N ASP C 157 -21.33 -1.91 24.80
CA ASP C 157 -21.02 -1.71 26.21
C ASP C 157 -19.51 -1.63 26.40
N VAL C 158 -19.01 -0.48 26.84
CA VAL C 158 -17.57 -0.36 27.02
C VAL C 158 -17.16 -1.32 28.15
N GLY C 159 -16.09 -2.06 27.94
CA GLY C 159 -15.64 -3.02 28.93
C GLY C 159 -14.21 -3.43 28.58
N LEU C 160 -13.81 -4.65 28.97
CA LEU C 160 -12.45 -5.14 28.70
C LEU C 160 -12.16 -5.26 27.19
N GLN C 161 -13.23 -5.61 26.45
CA GLN C 161 -13.24 -5.70 24.99
C GLN C 161 -13.39 -4.23 24.60
N SER C 162 -12.26 -3.62 24.26
CA SER C 162 -12.22 -2.22 23.92
C SER C 162 -12.95 -1.84 22.63
N SER C 163 -13.12 -2.81 21.74
CA SER C 163 -13.72 -2.55 20.44
C SER C 163 -15.07 -3.21 20.16
N CYS C 164 -15.87 -2.55 19.32
CA CYS C 164 -17.17 -3.05 18.94
C CYS C 164 -17.33 -2.89 17.42
N VAL C 165 -17.90 -3.89 16.76
CA VAL C 165 -18.08 -3.89 15.32
C VAL C 165 -19.51 -3.68 14.85
N LEU C 166 -19.73 -2.61 14.09
CA LEU C 166 -21.04 -2.36 13.51
C LEU C 166 -20.82 -2.79 12.06
N CYS C 167 -21.56 -3.79 11.65
CA CYS C 167 -21.43 -4.28 10.32
C CYS C 167 -22.60 -3.71 9.50
N ILE C 168 -22.30 -3.10 8.35
CA ILE C 168 -23.33 -2.52 7.49
C ILE C 168 -23.68 -3.53 6.40
N PRO C 169 -24.77 -4.29 6.60
CA PRO C 169 -25.16 -5.29 5.60
C PRO C 169 -25.54 -4.66 4.28
N TRP C 170 -25.28 -5.36 3.20
CA TRP C 170 -25.59 -4.85 1.89
C TRP C 170 -27.10 -4.91 1.66
N ILE C 171 -27.73 -3.74 1.58
CA ILE C 171 -29.17 -3.63 1.33
C ILE C 171 -29.27 -2.65 0.17
N SER C 172 -29.65 -3.11 -1.00
CA SER C 172 -29.73 -2.21 -2.16
C SER C 172 -30.70 -2.72 -3.21
N GLN C 173 -31.28 -1.81 -4.01
CA GLN C 173 -32.19 -2.32 -5.04
C GLN C 173 -31.35 -3.02 -6.09
N THR C 174 -30.17 -2.47 -6.37
CA THR C 174 -29.25 -3.03 -7.36
C THR C 174 -28.09 -3.85 -6.74
N HIS C 175 -27.50 -4.74 -7.56
CA HIS C 175 -26.39 -5.57 -7.11
C HIS C 175 -25.15 -4.74 -6.87
N TYR C 176 -25.09 -3.59 -7.53
CA TYR C 176 -23.92 -2.71 -7.43
C TYR C 176 -24.28 -1.24 -7.26
N ARG C 177 -23.36 -0.46 -6.72
CA ARG C 177 -23.58 0.96 -6.55
C ARG C 177 -22.41 1.67 -7.24
N LEU C 178 -22.61 2.91 -7.72
CA LEU C 178 -21.49 3.66 -8.35
C LEU C 178 -20.48 4.07 -7.25
N VAL C 179 -19.16 4.01 -7.48
CA VAL C 179 -18.22 4.45 -6.42
C VAL C 179 -18.38 5.97 -6.36
N GLN C 180 -18.64 6.51 -7.54
CA GLN C 180 -18.97 7.92 -7.68
C GLN C 180 -20.50 7.95 -7.39
N GLN C 181 -20.89 7.68 -6.16
CA GLN C 181 -22.31 7.61 -5.79
C GLN C 181 -23.26 8.77 -6.10
N ASP C 182 -24.48 8.43 -6.51
CA ASP C 182 -25.53 9.40 -6.79
C ASP C 182 -26.72 9.04 -5.91
N GLU C 183 -27.80 9.80 -6.01
CA GLU C 183 -28.94 9.53 -5.15
C GLU C 183 -29.55 8.18 -5.52
N TYR C 184 -29.52 7.85 -6.81
CA TYR C 184 -30.08 6.59 -7.25
C TYR C 184 -29.40 5.39 -6.56
N THR C 185 -28.10 5.51 -6.29
CA THR C 185 -27.38 4.43 -5.61
C THR C 185 -27.00 4.78 -4.16
N SER C 186 -27.88 5.52 -3.53
CA SER C 186 -27.70 5.94 -2.15
C SER C 186 -27.53 4.73 -1.23
N ALA C 187 -26.78 4.88 -0.14
CA ALA C 187 -26.63 3.74 0.75
C ALA C 187 -27.03 4.02 2.19
N GLY C 188 -27.50 5.23 2.46
CA GLY C 188 -27.87 5.56 3.83
C GLY C 188 -26.77 6.16 4.70
N ASN C 189 -27.01 6.22 6.01
CA ASN C 189 -26.07 6.82 6.95
C ASN C 189 -25.92 6.02 8.25
N VAL C 190 -24.86 6.32 9.00
CA VAL C 190 -24.71 5.68 10.30
C VAL C 190 -24.54 6.87 11.25
N THR C 191 -25.19 6.78 12.39
CA THR C 191 -25.13 7.84 13.39
C THR C 191 -24.88 7.13 14.72
N CYS C 192 -24.38 7.87 15.69
CA CYS C 192 -24.06 7.29 16.99
C CYS C 192 -24.61 8.14 18.12
N TRP C 193 -25.14 7.50 19.17
CA TRP C 193 -25.73 8.21 20.30
C TRP C 193 -25.38 7.64 21.66
N TYR C 194 -25.43 8.48 22.68
CA TYR C 194 -25.19 7.97 24.02
C TYR C 194 -26.42 7.12 24.33
N GLN C 195 -26.22 5.87 24.76
CA GLN C 195 -27.35 5.01 25.10
C GLN C 195 -27.61 5.20 26.57
N THR C 196 -26.57 5.60 27.27
CA THR C 196 -26.64 5.72 28.69
C THR C 196 -25.41 6.42 29.11
N GLY C 197 -25.22 7.68 28.81
CA GLY C 197 -23.92 8.32 29.20
C GLY C 197 -22.52 7.71 29.67
N ILE C 198 -21.46 8.54 29.69
CA ILE C 198 -20.16 8.07 30.14
C ILE C 198 -19.95 8.42 31.60
N VAL C 199 -19.84 7.41 32.44
CA VAL C 199 -19.65 7.63 33.88
C VAL C 199 -18.20 7.37 34.28
N VAL C 200 -17.69 8.13 35.23
CA VAL C 200 -16.30 7.98 35.58
C VAL C 200 -16.02 8.28 37.05
N PRO C 201 -15.02 7.61 37.64
CA PRO C 201 -14.73 7.87 39.06
C PRO C 201 -13.86 9.11 39.17
N ALA C 202 -13.65 9.55 40.40
CA ALA C 202 -12.84 10.73 40.59
C ALA C 202 -11.40 10.45 40.25
N GLY C 203 -10.68 11.48 39.81
CA GLY C 203 -9.27 11.33 39.48
C GLY C 203 -9.00 10.85 38.08
N THR C 204 -10.03 10.79 37.26
CA THR C 204 -9.80 10.34 35.92
C THR C 204 -10.35 11.41 35.01
N PRO C 205 -9.81 11.53 33.80
CA PRO C 205 -10.19 12.50 32.77
C PRO C 205 -11.68 12.33 32.48
N THR C 206 -12.39 13.45 32.31
CA THR C 206 -13.83 13.39 32.04
C THR C 206 -14.22 13.38 30.57
N SER C 207 -13.23 13.27 29.69
CA SER C 207 -13.51 13.22 28.26
C SER C 207 -12.45 12.38 27.55
N CYS C 208 -12.87 11.61 26.54
CA CYS C 208 -11.92 10.76 25.83
C CYS C 208 -12.27 10.66 24.40
N SER C 209 -11.50 9.83 23.70
CA SER C 209 -11.70 9.69 22.28
C SER C 209 -12.06 8.26 21.91
N ILE C 210 -12.87 8.15 20.85
CA ILE C 210 -13.29 6.88 20.28
C ILE C 210 -12.71 6.92 18.86
N MET C 211 -12.08 5.86 18.40
CA MET C 211 -11.56 5.86 17.03
C MET C 211 -12.45 4.93 16.20
N CYS C 212 -12.44 5.10 14.89
CA CYS C 212 -13.25 4.29 13.98
C CYS C 212 -12.43 3.76 12.80
N PHE C 213 -12.49 2.43 12.62
CA PHE C 213 -11.78 1.72 11.55
C PHE C 213 -12.79 1.17 10.54
N VAL C 214 -12.42 1.14 9.27
CA VAL C 214 -13.30 0.59 8.25
C VAL C 214 -12.59 -0.50 7.45
N SER C 215 -13.37 -1.49 7.01
CA SER C 215 -12.82 -2.54 6.17
C SER C 215 -13.94 -3.31 5.49
N ALA C 216 -13.60 -3.94 4.39
CA ALA C 216 -14.58 -4.67 3.64
C ALA C 216 -14.82 -6.09 4.19
N CYS C 217 -16.07 -6.54 4.11
CA CYS C 217 -16.41 -7.91 4.53
C CYS C 217 -16.11 -8.85 3.36
N ASN C 218 -16.35 -10.13 3.54
CA ASN C 218 -16.03 -11.08 2.49
C ASN C 218 -17.03 -11.21 1.35
N ASP C 219 -18.04 -10.34 1.28
CA ASP C 219 -19.01 -10.43 0.19
C ASP C 219 -18.79 -9.22 -0.75
N PHE C 220 -17.70 -8.51 -0.49
CA PHE C 220 -17.30 -7.29 -1.19
C PHE C 220 -16.51 -7.48 -2.48
N SER C 221 -16.87 -6.76 -3.52
CA SER C 221 -16.13 -6.84 -4.79
C SER C 221 -16.27 -5.50 -5.52
N VAL C 222 -15.45 -5.29 -6.55
CA VAL C 222 -15.51 -4.05 -7.31
C VAL C 222 -15.36 -4.36 -8.80
N ARG C 223 -15.89 -3.48 -9.66
CA ARG C 223 -15.79 -3.69 -11.11
C ARG C 223 -15.54 -2.43 -11.89
N LEU C 224 -15.23 -2.65 -13.17
CA LEU C 224 -15.03 -1.58 -14.12
C LEU C 224 -13.89 -0.63 -13.77
N LEU C 225 -12.67 -1.03 -14.12
CA LEU C 225 -11.45 -0.25 -13.90
C LEU C 225 -11.53 1.15 -14.56
N LYS C 226 -10.96 2.16 -13.88
CA LYS C 226 -10.89 3.55 -14.34
C LYS C 226 -9.74 4.23 -13.59
N ASP C 227 -9.29 5.41 -14.02
CA ASP C 227 -8.21 6.11 -13.33
C ASP C 227 -8.67 6.83 -12.07
N THR C 228 -7.74 7.09 -11.14
CA THR C 228 -8.14 7.79 -9.91
C THR C 228 -8.11 9.26 -10.12
N PRO C 229 -9.03 9.93 -9.47
CA PRO C 229 -9.22 11.37 -9.51
C PRO C 229 -8.10 11.98 -8.67
N PHE C 230 -7.63 11.21 -7.71
CA PHE C 230 -6.63 11.67 -6.77
C PHE C 230 -5.18 11.99 -7.16
N ILE C 231 -4.72 11.64 -8.34
CA ILE C 231 -3.31 11.93 -8.61
C ILE C 231 -3.23 12.68 -9.93
N GLN C 232 -2.33 13.65 -10.02
CA GLN C 232 -2.16 14.37 -11.29
C GLN C 232 -0.87 15.11 -11.43
N GLN C 233 -0.67 15.67 -12.63
CA GLN C 233 0.53 16.41 -12.91
C GLN C 233 0.38 17.44 -13.96
N ALA C 234 1.23 18.44 -13.88
CA ALA C 234 1.20 19.51 -14.86
C ALA C 234 2.27 19.30 -15.95
N ALA C 235 3.29 18.48 -15.67
CA ALA C 235 4.36 18.23 -16.64
C ALA C 235 5.16 16.98 -16.33
N LEU C 236 6.03 16.57 -17.25
CA LEU C 236 6.85 15.39 -17.08
C LEU C 236 7.88 15.51 -15.91
N LEU C 237 8.99 14.73 -15.95
CA LEU C 237 10.09 14.60 -14.90
C LEU C 237 9.26 14.56 -13.69
N GLN C 238 8.02 14.07 -13.90
CA GLN C 238 6.88 13.89 -12.97
C GLN C 238 7.09 14.14 -11.50
N GLY D 1 0.25 -27.93 -30.82
CA GLY D 1 -0.01 -28.51 -29.46
C GLY D 1 -0.65 -27.37 -28.71
N ALA D 2 -1.96 -27.30 -28.83
CA ALA D 2 -2.76 -26.22 -28.25
C ALA D 2 -3.52 -26.46 -26.93
N GLN D 3 -4.01 -25.37 -26.35
CA GLN D 3 -4.76 -25.43 -25.10
C GLN D 3 -6.12 -24.80 -25.22
N VAL D 4 -7.10 -25.49 -24.65
CA VAL D 4 -8.46 -25.02 -24.65
C VAL D 4 -8.87 -24.83 -23.19
N SER D 5 -9.40 -23.65 -22.90
CA SER D 5 -9.87 -23.37 -21.55
C SER D 5 -11.13 -22.53 -21.72
N THR D 6 -11.84 -22.28 -20.64
CA THR D 6 -13.11 -21.55 -20.72
C THR D 6 -13.01 -20.04 -20.73
N GLN D 7 -14.03 -19.42 -21.30
CA GLN D 7 -14.11 -17.98 -21.41
C GLN D 7 -14.76 -17.41 -20.14
N LYS D 8 -14.55 -16.11 -19.87
CA LYS D 8 -15.21 -15.49 -18.72
C LYS D 8 -16.66 -15.37 -19.18
N THR D 9 -17.58 -15.80 -18.33
CA THR D 9 -18.96 -15.74 -18.69
C THR D 9 -19.60 -14.34 -18.82
N GLY D 10 -20.35 -14.13 -19.92
CA GLY D 10 -21.03 -12.87 -20.22
C GLY D 10 -22.57 -12.91 -20.26
N ALA D 11 -23.20 -11.84 -20.80
CA ALA D 11 -24.67 -11.63 -20.91
C ALA D 11 -25.76 -12.74 -20.87
N HIS D 12 -25.56 -13.84 -20.11
CA HIS D 12 -26.55 -14.98 -19.91
C HIS D 12 -26.24 -15.99 -18.73
N GLU D 13 -27.30 -16.38 -17.99
CA GLU D 13 -27.28 -17.32 -16.83
C GLU D 13 -26.82 -18.74 -17.15
N THR D 14 -26.43 -19.45 -16.18
N SER D 22 -20.35 -25.11 -23.61
CA SER D 22 -19.68 -25.67 -24.85
C SER D 22 -19.04 -24.62 -25.82
N ILE D 23 -19.79 -23.58 -26.20
CA ILE D 23 -19.26 -22.54 -27.07
C ILE D 23 -18.75 -21.43 -26.12
N ILE D 24 -18.66 -21.78 -24.84
CA ILE D 24 -18.15 -20.85 -23.89
C ILE D 24 -16.69 -21.12 -23.60
N HIS D 25 -15.94 -21.48 -24.64
CA HIS D 25 -14.48 -21.54 -24.50
C HIS D 25 -13.69 -21.21 -25.74
N TYR D 26 -12.40 -20.97 -25.51
CA TYR D 26 -11.51 -20.54 -26.59
C TYR D 26 -10.27 -21.37 -26.69
N THR D 27 -9.59 -21.27 -27.82
CA THR D 27 -8.41 -22.07 -27.93
C THR D 27 -7.20 -21.13 -28.13
N ASN D 28 -6.04 -21.54 -27.64
CA ASN D 28 -4.84 -20.72 -27.77
C ASN D 28 -3.60 -21.57 -28.14
N ILE D 29 -2.70 -21.01 -28.95
CA ILE D 29 -1.43 -21.67 -29.33
C ILE D 29 -0.36 -20.57 -29.15
N ASN D 30 0.76 -20.95 -28.56
CA ASN D 30 1.87 -20.02 -28.35
C ASN D 30 2.82 -20.11 -29.53
N TYR D 31 3.13 -18.97 -30.13
CA TYR D 31 3.97 -18.98 -31.29
C TYR D 31 5.41 -18.57 -31.03
N TYR D 32 5.72 -18.13 -29.82
CA TYR D 32 7.08 -17.64 -29.50
C TYR D 32 7.94 -18.50 -28.59
N LYS D 33 9.26 -18.32 -28.68
CA LYS D 33 10.13 -19.18 -27.89
C LYS D 33 10.35 -18.78 -26.45
N ASP D 34 9.89 -17.59 -26.05
CA ASP D 34 10.08 -17.08 -24.69
C ASP D 34 8.78 -16.89 -23.94
N ALA D 35 8.73 -17.29 -22.68
CA ALA D 35 7.49 -17.12 -21.92
C ALA D 35 7.08 -15.64 -21.84
N ALA D 36 8.05 -14.75 -21.92
CA ALA D 36 7.74 -13.33 -21.85
C ALA D 36 6.78 -12.91 -22.97
N SER D 37 6.86 -13.59 -24.10
CA SER D 37 6.01 -13.24 -25.21
C SER D 37 4.54 -13.62 -24.97
N ASN D 38 4.28 -14.54 -24.05
CA ASN D 38 2.88 -14.94 -23.85
C ASN D 38 1.96 -13.82 -23.37
N SER D 39 0.65 -14.06 -23.53
CA SER D 39 -0.35 -13.08 -23.09
C SER D 39 -0.48 -13.10 -21.56
N ALA D 40 -1.25 -12.17 -21.00
CA ALA D 40 -1.39 -12.07 -19.54
C ALA D 40 -2.20 -13.22 -18.90
N ASN D 41 -2.00 -13.46 -17.58
CA ASN D 41 -2.73 -14.49 -16.82
C ASN D 41 -3.90 -13.82 -16.19
N ARG D 42 -4.88 -13.48 -17.01
CA ARG D 42 -6.02 -12.77 -16.49
C ARG D 42 -7.02 -13.73 -15.87
N GLN D 43 -6.74 -15.02 -15.94
CA GLN D 43 -7.70 -15.95 -15.42
C GLN D 43 -7.37 -16.60 -14.11
N ASP D 44 -6.22 -16.26 -13.55
CA ASP D 44 -5.83 -16.82 -12.27
C ASP D 44 -6.46 -15.97 -11.12
N PHE D 45 -7.31 -16.58 -10.28
CA PHE D 45 -7.95 -15.83 -9.19
C PHE D 45 -7.78 -16.37 -7.76
N THR D 46 -6.54 -16.50 -7.28
CA THR D 46 -6.33 -16.98 -5.90
C THR D 46 -6.55 -15.82 -4.92
N GLN D 47 -6.35 -16.07 -3.63
CA GLN D 47 -6.55 -15.06 -2.58
C GLN D 47 -6.17 -15.56 -1.19
N ASP D 48 -5.55 -14.69 -0.40
CA ASP D 48 -5.13 -15.04 0.93
C ASP D 48 -5.09 -13.76 1.79
N PRO D 49 -6.27 -13.24 2.19
CA PRO D 49 -6.32 -12.02 2.99
C PRO D 49 -5.54 -12.14 4.29
N GLY D 50 -5.58 -13.35 4.86
CA GLY D 50 -4.88 -13.62 6.11
C GLY D 50 -3.52 -12.98 6.36
N LYS D 51 -2.61 -13.01 5.38
CA LYS D 51 -1.27 -12.42 5.54
C LYS D 51 -1.41 -11.04 6.20
N PHE D 52 -2.46 -10.35 5.81
CA PHE D 52 -2.68 -9.01 6.26
C PHE D 52 -3.76 -8.77 7.31
N THR D 53 -4.94 -9.37 7.13
CA THR D 53 -6.06 -9.19 8.07
C THR D 53 -6.08 -10.33 9.06
N GLU D 54 -5.16 -10.38 10.01
CA GLU D 54 -5.12 -11.51 10.97
C GLU D 54 -3.72 -12.16 11.09
N PRO D 55 -2.62 -11.37 11.04
CA PRO D 55 -1.26 -11.94 11.15
C PRO D 55 -0.84 -12.13 12.63
N VAL D 56 -1.76 -12.65 13.46
CA VAL D 56 -1.55 -12.88 14.89
C VAL D 56 -1.24 -14.35 15.18
N LYS D 57 -0.19 -14.67 15.95
CA LYS D 57 0.11 -16.08 16.31
C LYS D 57 -0.90 -16.19 17.42
N ASP D 58 -1.38 -17.39 17.74
CA ASP D 58 -2.46 -17.52 18.75
C ASP D 58 -3.78 -17.14 18.00
N ILE D 59 -4.42 -18.16 17.42
CA ILE D 59 -5.67 -18.05 16.65
C ILE D 59 -6.84 -17.34 17.39
N MET D 60 -7.30 -16.21 16.83
CA MET D 60 -8.42 -15.47 17.42
C MET D 60 -9.75 -16.00 16.85
N VAL D 61 -10.46 -16.77 17.69
CA VAL D 61 -11.75 -17.39 17.35
C VAL D 61 -12.91 -16.40 17.15
N LYS D 62 -12.76 -15.20 17.69
CA LYS D 62 -13.77 -14.13 17.60
C LYS D 62 -15.26 -14.59 17.37
N SER D 63 -15.83 -14.84 18.55
CA SER D 63 -17.19 -15.24 18.92
C SER D 63 -16.95 -15.39 20.45
N LEU D 64 -15.65 -15.39 20.81
CA LEU D 64 -15.11 -15.47 22.19
C LEU D 64 -14.59 -14.06 22.55
N PRO D 65 -14.29 -13.80 23.84
CA PRO D 65 -13.80 -12.43 24.09
C PRO D 65 -12.60 -11.77 23.31
N ALA D 66 -11.49 -12.46 23.06
CA ALA D 66 -10.31 -11.87 22.36
C ALA D 66 -9.26 -11.37 23.38
N LEU D 67 -9.68 -11.28 24.65
CA LEU D 67 -8.83 -10.90 25.78
C LEU D 67 -9.20 -11.79 26.98
N ASN D 68 -9.54 -11.20 28.12
CA ASN D 68 -9.91 -11.99 29.33
C ASN D 68 -8.67 -12.59 30.08
N DOA E . 12.88 -1.04 -25.74
C1 DOA E . 12.29 -1.26 -24.34
C2 DOA E . 13.33 -1.43 -23.24
C3 DOA E . 12.50 -1.85 -22.06
C4 DOA E . 13.27 -2.12 -20.78
C5 DOA E . 12.18 -1.95 -19.78
C6 DOA E . 12.48 -2.37 -18.39
C7 DOA E . 11.21 -2.01 -17.68
C8 DOA E . 11.32 -2.31 -16.28
C9 DOA E . 10.08 -1.92 -15.54
C10 DOA E . 10.62 -1.22 -14.32
CA2 DOA E . 9.50 -0.77 -13.43
C DOA E . 9.89 -0.63 -11.93
O DOA E . 9.10 -1.04 -11.08
OXT DOA E . 11.00 -0.10 -11.61
C1 MYR F . -1.63 -28.74 -33.48
O1 MYR F . -0.94 -28.51 -32.49
C2 MYR F . -1.34 -28.12 -34.86
C3 MYR F . -2.21 -26.87 -35.03
C4 MYR F . -2.37 -26.38 -36.48
C5 MYR F . -1.30 -25.36 -36.81
C6 MYR F . -1.57 -23.98 -36.23
C7 MYR F . -0.36 -23.19 -36.73
C8 MYR F . 0.78 -23.00 -35.70
C9 MYR F . 1.75 -21.88 -36.11
C10 MYR F . 3.19 -21.81 -35.49
C11 MYR F . 4.22 -20.94 -36.26
C12 MYR F . 5.51 -21.04 -35.45
C13 MYR F . 6.38 -19.80 -35.56
C14 MYR F . 7.63 -20.06 -34.68
#